data_7TIL
#
_entry.id   7TIL
#
_cell.length_a   1.00
_cell.length_b   1.00
_cell.length_c   1.00
_cell.angle_alpha   90.00
_cell.angle_beta   90.00
_cell.angle_gamma   90.00
#
_symmetry.space_group_name_H-M   'P 1'
#
_entity_poly.entity_id   1
_entity_poly.type   'polypeptide(L)'
_entity_poly.pdbx_seq_one_letter_code
;MKSSHHHHHHENLYFQSNAKSPTDIGRNLARQWQRSSVRLERLLNPGSWPQSLNIGKPSARLFTDNIQAVLRHVENWRSV
NVGKVDWEPVSYRAGLAPISLPMRWHLRSPSEWIAASDDPRVSQEYAQLEYLVEQVDSAFHTLLVAQRSLWLTRTPEEVV
ATAQLATQLAPGCAQGRPLRLLAEHGVDTKFFERNATLLTKLLDERFEGAASEQGLTTFLDAFEESSHWVLVVPLQPGLL
PFKRLRLTTSELAETPLPGSRLLVVENEQCVHLLPETLPDTLAVLGAGLDLHWLASAHLAGKQIGYWGDMDTWGLLMLAR
ARLHQPAVEALLMEQELFEQHSQGNTVVEPAKALESAPPGLLADEADFYRYLLVQERGRLEQEYLPKAQVELAIRKWAR
;
_entity_poly.pdbx_strand_id   A,B
#
# COMPACT_ATOMS: atom_id res chain seq x y z
N ALA A 19 45.04 -12.01 10.68
CA ALA A 19 45.17 -12.09 12.14
C ALA A 19 44.20 -11.13 12.81
N LYS A 20 42.92 -11.51 12.88
CA LYS A 20 41.90 -10.69 13.49
C LYS A 20 41.53 -11.22 14.87
N SER A 21 41.36 -10.30 15.82
CA SER A 21 40.90 -10.68 17.14
C SER A 21 39.45 -11.14 17.08
N PRO A 22 39.03 -11.99 18.02
CA PRO A 22 37.63 -12.44 18.02
C PRO A 22 36.62 -11.32 18.08
N THR A 23 36.96 -10.21 18.73
CA THR A 23 36.06 -9.06 18.75
C THR A 23 35.86 -8.50 17.35
N ASP A 24 36.94 -8.42 16.56
CA ASP A 24 36.83 -7.89 15.20
C ASP A 24 35.91 -8.74 14.35
N ILE A 25 36.03 -10.07 14.45
CA ILE A 25 35.14 -10.96 13.70
C ILE A 25 33.71 -10.79 14.17
N GLY A 26 33.51 -10.59 15.48
CA GLY A 26 32.19 -10.36 16.00
C GLY A 26 31.54 -9.11 15.42
N ARG A 27 32.31 -8.02 15.32
CA ARG A 27 31.81 -6.82 14.66
C ARG A 27 31.56 -7.07 13.18
N ASN A 28 32.45 -7.84 12.53
CA ASN A 28 32.26 -8.15 11.12
C ASN A 28 31.00 -8.97 10.90
N LEU A 29 30.73 -9.93 11.78
CA LEU A 29 29.52 -10.73 11.66
C LEU A 29 28.28 -9.89 11.88
N ALA A 30 28.34 -8.94 12.82
CA ALA A 30 27.19 -8.10 13.11
C ALA A 30 26.81 -7.26 11.90
N ARG A 31 27.81 -6.71 11.20
CA ARG A 31 27.53 -5.95 9.99
C ARG A 31 26.90 -6.84 8.92
N GLN A 32 27.41 -8.06 8.76
CA GLN A 32 26.86 -8.97 7.76
C GLN A 32 25.41 -9.31 8.06
N TRP A 33 25.03 -9.32 9.33
CA TRP A 33 23.65 -9.62 9.70
C TRP A 33 22.70 -8.57 9.14
N GLN A 34 23.18 -7.35 8.93
CA GLN A 34 22.35 -6.28 8.40
C GLN A 34 21.97 -6.47 6.94
N ARG A 35 22.53 -7.48 6.28
CA ARG A 35 22.25 -7.76 4.88
C ARG A 35 21.15 -8.82 4.78
N SER A 36 20.16 -8.56 3.93
CA SER A 36 19.01 -9.44 3.82
C SER A 36 19.41 -10.82 3.32
N SER A 37 20.36 -10.88 2.39
CA SER A 37 20.77 -12.18 1.84
C SER A 37 21.38 -13.07 2.91
N VAL A 38 22.18 -12.49 3.81
CA VAL A 38 22.84 -13.27 4.85
C VAL A 38 21.81 -13.87 5.79
N ARG A 39 20.81 -13.07 6.19
CA ARG A 39 19.80 -13.56 7.13
C ARG A 39 19.00 -14.70 6.53
N LEU A 40 18.62 -14.58 5.26
CA LEU A 40 17.89 -15.66 4.59
C LEU A 40 18.74 -16.92 4.50
N GLU A 41 20.03 -16.76 4.22
CA GLU A 41 20.93 -17.91 4.14
C GLU A 41 21.05 -18.63 5.47
N ARG A 42 21.11 -17.87 6.57
CA ARG A 42 21.33 -18.48 7.88
C ARG A 42 20.10 -19.20 8.39
N LEU A 43 18.92 -18.60 8.22
CA LEU A 43 17.70 -19.14 8.81
C LEU A 43 16.97 -20.12 7.90
N LEU A 44 16.74 -19.72 6.65
CA LEU A 44 15.90 -20.48 5.73
C LEU A 44 16.69 -21.47 4.89
N ASN A 45 17.82 -21.96 5.39
CA ASN A 45 18.62 -22.97 4.70
C ASN A 45 19.33 -23.81 5.74
N PRO A 46 18.75 -24.95 6.12
CA PRO A 46 19.45 -25.85 7.06
C PRO A 46 20.79 -26.34 6.54
N GLY A 47 20.96 -26.42 5.22
CA GLY A 47 22.23 -26.82 4.65
C GLY A 47 23.28 -25.74 4.61
N SER A 48 22.94 -24.53 5.07
CA SER A 48 23.91 -23.45 5.10
C SER A 48 25.07 -23.79 6.03
N TRP A 49 24.76 -24.38 7.19
CA TRP A 49 25.80 -24.80 8.10
C TRP A 49 26.59 -25.96 7.49
N PRO A 50 27.90 -26.03 7.74
CA PRO A 50 28.64 -25.11 8.61
C PRO A 50 29.09 -23.82 7.94
N GLN A 51 29.44 -22.81 8.76
CA GLN A 51 30.04 -21.58 8.28
C GLN A 51 31.41 -21.41 8.93
N SER A 52 32.47 -21.61 8.15
CA SER A 52 33.84 -21.50 8.65
C SER A 52 34.40 -20.13 8.32
N LEU A 53 34.99 -19.48 9.33
CA LEU A 53 35.55 -18.14 9.17
C LEU A 53 37.07 -18.22 9.28
N ASN A 54 37.76 -17.71 8.26
CA ASN A 54 39.21 -17.68 8.27
C ASN A 54 39.71 -16.64 9.26
N ILE A 55 40.82 -16.96 9.92
CA ILE A 55 41.38 -16.07 10.93
C ILE A 55 42.48 -15.22 10.30
N GLY A 56 43.53 -15.87 9.79
CA GLY A 56 44.58 -15.16 9.10
C GLY A 56 45.94 -15.25 9.75
N LYS A 57 46.99 -15.33 8.92
CA LYS A 57 48.36 -15.36 9.39
C LYS A 57 48.80 -14.00 9.92
N PRO A 58 49.68 -13.98 10.92
CA PRO A 58 50.26 -12.70 11.36
C PRO A 58 51.39 -12.27 10.45
N SER A 59 51.80 -11.02 10.63
CA SER A 59 52.90 -10.46 9.85
C SER A 59 54.23 -10.94 10.38
N ALA A 60 55.10 -11.38 9.46
CA ALA A 60 56.43 -11.84 9.86
C ALA A 60 57.25 -10.71 10.47
N ARG A 61 57.19 -9.52 9.87
CA ARG A 61 57.90 -8.37 10.43
C ARG A 61 57.36 -8.02 11.81
N LEU A 62 56.04 -8.05 11.98
CA LEU A 62 55.45 -7.77 13.28
C LEU A 62 55.82 -8.87 14.28
N PHE A 63 55.88 -10.12 13.82
CA PHE A 63 56.26 -11.22 14.72
C PHE A 63 57.68 -11.04 15.22
N THR A 64 58.61 -10.66 14.35
CA THR A 64 60.00 -10.48 14.76
C THR A 64 60.17 -9.21 15.59
N ASP A 65 59.51 -8.13 15.19
CA ASP A 65 59.68 -6.86 15.91
C ASP A 65 59.07 -6.92 17.31
N ASN A 66 57.87 -7.47 17.43
CA ASN A 66 57.16 -7.56 18.71
C ASN A 66 56.61 -8.98 18.86
N ILE A 67 57.41 -9.86 19.45
CA ILE A 67 56.92 -11.22 19.70
C ILE A 67 55.79 -11.20 20.72
N GLN A 68 55.83 -10.26 21.67
CA GLN A 68 54.74 -10.16 22.64
C GLN A 68 53.43 -9.79 21.97
N ALA A 69 53.48 -9.06 20.85
CA ALA A 69 52.26 -8.68 20.15
C ALA A 69 51.50 -9.91 19.65
N VAL A 70 52.21 -10.82 18.99
CA VAL A 70 51.58 -12.07 18.57
C VAL A 70 51.28 -12.95 19.77
N LEU A 71 52.09 -12.86 20.83
CA LEU A 71 51.73 -13.54 22.08
C LEU A 71 50.39 -13.04 22.61
N ARG A 72 50.23 -11.71 22.72
CA ARG A 72 48.93 -11.19 23.14
C ARG A 72 47.82 -11.76 22.27
N HIS A 73 48.08 -11.90 20.97
CA HIS A 73 47.06 -12.36 20.04
C HIS A 73 46.57 -13.76 20.40
N VAL A 74 47.49 -14.66 20.78
CA VAL A 74 47.09 -16.04 20.99
C VAL A 74 46.29 -16.21 22.29
N GLU A 75 46.67 -15.50 23.36
CA GLU A 75 45.83 -15.56 24.56
C GLU A 75 44.59 -14.69 24.47
N ASN A 76 44.49 -13.79 23.47
CA ASN A 76 43.16 -13.31 23.12
C ASN A 76 42.31 -14.45 22.57
N TRP A 77 42.95 -15.44 21.95
CA TRP A 77 42.26 -16.63 21.50
C TRP A 77 42.19 -17.72 22.56
N ARG A 78 42.78 -17.48 23.74
CA ARG A 78 42.61 -18.40 24.87
C ARG A 78 41.36 -18.12 25.68
N SER A 79 40.71 -16.99 25.47
CA SER A 79 39.48 -16.65 26.18
C SER A 79 38.23 -16.95 25.36
N VAL A 80 38.36 -17.47 24.16
CA VAL A 80 37.20 -17.72 23.32
C VAL A 80 36.66 -19.11 23.62
N ASN A 81 35.35 -19.19 23.86
CA ASN A 81 34.68 -20.47 24.07
C ASN A 81 33.31 -20.51 23.39
N VAL A 82 33.02 -19.60 22.48
CA VAL A 82 31.71 -19.55 21.84
C VAL A 82 31.45 -20.84 21.06
N GLY A 83 32.43 -21.27 20.29
CA GLY A 83 32.34 -22.50 19.53
C GLY A 83 33.60 -23.32 19.72
N LYS A 84 34.15 -23.78 18.59
CA LYS A 84 35.39 -24.53 18.55
C LYS A 84 36.29 -23.94 17.48
N VAL A 85 37.57 -23.78 17.80
CA VAL A 85 38.52 -23.18 16.88
C VAL A 85 39.43 -24.27 16.33
N ASP A 86 39.65 -24.25 15.02
CA ASP A 86 40.51 -25.22 14.37
C ASP A 86 41.97 -24.92 14.69
N TRP A 87 42.76 -25.97 14.90
CA TRP A 87 44.16 -25.84 15.26
C TRP A 87 45.07 -26.52 14.26
N GLU A 88 46.25 -25.94 14.05
CA GLU A 88 47.31 -26.53 13.27
C GLU A 88 48.62 -25.99 13.82
N PRO A 89 49.59 -26.84 14.10
CA PRO A 89 50.87 -26.35 14.62
C PRO A 89 51.72 -25.71 13.52
N VAL A 90 52.53 -24.74 13.93
CA VAL A 90 53.43 -24.08 13.00
C VAL A 90 54.85 -24.09 13.57
N PRO A 98 58.93 -22.25 17.27
CA PRO A 98 57.69 -22.79 16.70
C PRO A 98 56.48 -22.54 17.59
N ILE A 99 55.54 -21.72 17.11
CA ILE A 99 54.34 -21.37 17.84
C ILE A 99 53.13 -21.69 16.96
N SER A 100 52.09 -22.24 17.58
CA SER A 100 50.90 -22.64 16.84
C SER A 100 49.87 -21.52 16.88
N LEU A 101 49.35 -21.16 15.70
CA LEU A 101 48.34 -20.12 15.59
C LEU A 101 47.05 -20.69 15.03
N PRO A 102 45.89 -20.19 15.47
CA PRO A 102 44.62 -20.68 14.92
C PRO A 102 44.33 -20.08 13.55
N MET A 103 43.89 -20.94 12.63
CA MET A 103 43.65 -20.52 11.26
C MET A 103 42.16 -20.41 10.95
N ARG A 104 41.37 -21.38 11.40
CA ARG A 104 39.96 -21.46 11.04
C ARG A 104 39.11 -21.55 12.30
N TRP A 105 37.90 -20.99 12.19
CA TRP A 105 36.91 -21.01 13.26
C TRP A 105 35.71 -21.79 12.77
N HIS A 106 35.36 -22.87 13.47
CA HIS A 106 34.24 -23.72 13.09
C HIS A 106 33.03 -23.36 13.94
N LEU A 107 31.98 -22.84 13.29
CA LEU A 107 30.72 -22.54 13.94
C LEU A 107 29.68 -23.54 13.45
N ARG A 108 29.16 -24.36 14.35
CA ARG A 108 28.25 -25.42 13.92
C ARG A 108 26.81 -24.91 13.87
N SER A 109 26.26 -24.50 15.03
CA SER A 109 24.87 -24.15 15.34
C SER A 109 24.65 -22.65 15.27
N PRO A 110 23.40 -22.24 15.01
CA PRO A 110 23.08 -20.80 15.06
C PRO A 110 23.34 -20.16 16.40
N SER A 111 23.18 -20.91 17.50
CA SER A 111 23.47 -20.37 18.82
C SER A 111 24.92 -19.94 18.93
N GLU A 112 25.83 -20.71 18.34
CA GLU A 112 27.23 -20.30 18.26
C GLU A 112 27.37 -19.03 17.42
N TRP A 113 26.63 -18.95 16.31
CA TRP A 113 26.71 -17.78 15.46
C TRP A 113 26.27 -16.52 16.20
N ILE A 114 25.15 -16.60 16.91
CA ILE A 114 24.68 -15.44 17.68
C ILE A 114 25.66 -15.13 18.81
N ALA A 115 26.14 -16.15 19.51
CA ALA A 115 27.08 -15.93 20.60
C ALA A 115 28.39 -15.34 20.11
N ALA A 116 28.78 -15.66 18.87
CA ALA A 116 29.99 -15.07 18.30
C ALA A 116 29.77 -13.62 17.89
N SER A 117 28.53 -13.26 17.56
CA SER A 117 28.25 -11.88 17.14
C SER A 117 28.51 -10.89 18.26
N ASP A 118 28.13 -11.24 19.49
CA ASP A 118 28.31 -10.38 20.66
C ASP A 118 27.65 -9.02 20.47
N ASP A 119 26.38 -9.04 20.08
CA ASP A 119 25.61 -7.82 19.91
C ASP A 119 24.21 -7.99 20.47
N PRO A 120 23.80 -7.15 21.43
CA PRO A 120 22.45 -7.30 22.00
C PRO A 120 21.34 -7.17 20.97
N ARG A 121 21.49 -6.28 19.99
CA ARG A 121 20.44 -6.09 19.00
C ARG A 121 20.26 -7.34 18.14
N VAL A 122 21.35 -7.97 17.73
CA VAL A 122 21.27 -9.19 16.94
C VAL A 122 20.65 -10.32 17.77
N SER A 123 21.02 -10.40 19.05
CA SER A 123 20.56 -11.49 19.88
C SER A 123 19.04 -11.46 20.04
N GLN A 124 18.48 -10.27 20.29
CA GLN A 124 17.03 -10.18 20.46
C GLN A 124 16.31 -10.29 19.12
N GLU A 125 16.95 -9.84 18.03
CA GLU A 125 16.33 -9.97 16.72
C GLU A 125 16.16 -11.43 16.32
N TYR A 126 17.17 -12.26 16.63
CA TYR A 126 17.04 -13.69 16.35
C TYR A 126 15.91 -14.31 17.15
N ALA A 127 15.77 -13.92 18.41
CA ALA A 127 14.72 -14.49 19.26
C ALA A 127 13.34 -14.20 18.69
N GLN A 128 13.13 -12.96 18.23
CA GLN A 128 11.85 -12.63 17.60
C GLN A 128 11.67 -13.35 16.28
N LEU A 129 12.73 -13.39 15.46
CA LEU A 129 12.62 -14.03 14.16
C LEU A 129 12.37 -15.53 14.29
N GLU A 130 13.10 -16.19 15.19
CA GLU A 130 12.90 -17.62 15.38
C GLU A 130 11.50 -17.91 15.92
N TYR A 131 11.01 -17.09 16.84
CA TYR A 131 9.69 -17.29 17.40
C TYR A 131 8.60 -17.10 16.35
N LEU A 132 8.73 -16.07 15.52
CA LEU A 132 7.72 -15.79 14.51
C LEU A 132 7.69 -16.88 13.43
N VAL A 133 8.86 -17.34 13.01
CA VAL A 133 8.92 -18.27 11.89
C VAL A 133 8.23 -19.58 12.23
N GLU A 134 8.49 -20.12 13.42
CA GLU A 134 7.93 -21.42 13.77
C GLU A 134 6.42 -21.34 14.00
N GLN A 135 5.90 -20.13 14.22
CA GLN A 135 4.46 -19.94 14.34
C GLN A 135 3.80 -19.60 12.99
N VAL A 136 4.28 -18.53 12.36
CA VAL A 136 3.68 -18.06 11.11
C VAL A 136 3.91 -19.09 10.01
N ASP A 137 2.93 -19.20 9.11
CA ASP A 137 2.99 -20.13 8.00
C ASP A 137 4.25 -19.92 7.17
N SER A 138 4.66 -20.98 6.45
CA SER A 138 5.88 -20.94 5.67
C SER A 138 5.77 -20.03 4.45
N ALA A 139 4.54 -19.66 4.04
CA ALA A 139 4.38 -18.80 2.88
C ALA A 139 4.88 -17.39 3.14
N PHE A 140 4.94 -16.95 4.39
CA PHE A 140 5.39 -15.62 4.74
C PHE A 140 6.79 -15.60 5.35
N HIS A 141 7.48 -16.74 5.37
CA HIS A 141 8.79 -16.80 6.00
C HIS A 141 9.80 -15.94 5.26
N THR A 142 9.78 -15.99 3.93
CA THR A 142 10.74 -15.22 3.14
C THR A 142 10.53 -13.72 3.33
N LEU A 143 9.27 -13.28 3.36
CA LEU A 143 8.99 -11.86 3.48
C LEU A 143 9.47 -11.29 4.81
N LEU A 144 9.15 -11.98 5.91
CA LEU A 144 9.43 -11.44 7.24
C LEU A 144 10.93 -11.30 7.48
N VAL A 145 11.72 -12.27 7.01
CA VAL A 145 13.17 -12.23 7.25
C VAL A 145 13.80 -11.04 6.53
N ALA A 146 13.42 -10.81 5.28
CA ALA A 146 14.04 -9.77 4.46
C ALA A 146 13.37 -8.41 4.60
N GLN A 147 12.30 -8.31 5.38
CA GLN A 147 11.55 -7.07 5.57
C GLN A 147 11.44 -6.75 7.05
N ARG A 148 12.59 -6.76 7.73
CA ARG A 148 12.65 -6.59 9.18
C ARG A 148 11.84 -5.40 9.69
N SER A 149 11.66 -4.36 8.87
CA SER A 149 10.93 -3.19 9.33
C SER A 149 9.46 -3.46 9.58
N LEU A 150 8.90 -4.52 8.99
CA LEU A 150 7.48 -4.80 9.19
C LEU A 150 7.19 -5.21 10.62
N TRP A 151 7.94 -6.16 11.16
CA TRP A 151 7.69 -6.70 12.49
C TRP A 151 8.52 -6.05 13.57
N LEU A 152 9.38 -5.09 13.23
CA LEU A 152 10.24 -4.46 14.23
C LEU A 152 9.44 -3.68 15.26
N THR A 153 8.39 -2.98 14.82
CA THR A 153 7.61 -2.14 15.71
C THR A 153 6.41 -2.85 16.33
N ARG A 154 5.82 -3.80 15.62
CA ARG A 154 4.59 -4.45 16.06
C ARG A 154 4.89 -5.55 17.07
N THR A 155 3.96 -5.78 17.99
CA THR A 155 4.12 -6.83 18.98
C THR A 155 4.05 -8.20 18.30
N PRO A 156 4.74 -9.20 18.85
CA PRO A 156 4.71 -10.54 18.24
C PRO A 156 3.31 -11.13 18.16
N GLU A 157 2.44 -10.82 19.13
CA GLU A 157 1.08 -11.37 19.10
C GLU A 157 0.30 -10.84 17.91
N GLU A 158 0.46 -9.56 17.59
CA GLU A 158 -0.27 -8.97 16.46
C GLU A 158 0.18 -9.60 15.14
N VAL A 159 1.48 -9.80 14.97
CA VAL A 159 1.99 -10.37 13.71
C VAL A 159 1.49 -11.79 13.52
N VAL A 160 1.51 -12.60 14.59
CA VAL A 160 1.03 -13.97 14.49
C VAL A 160 -0.46 -13.98 14.17
N ALA A 161 -1.24 -13.15 14.86
CA ALA A 161 -2.67 -13.10 14.61
C ALA A 161 -2.99 -12.61 13.21
N THR A 162 -2.25 -11.60 12.73
CA THR A 162 -2.49 -11.08 11.39
C THR A 162 -2.17 -12.12 10.33
N ALA A 163 -1.08 -12.87 10.51
CA ALA A 163 -0.74 -13.91 9.55
C ALA A 163 -1.81 -14.98 9.49
N GLN A 164 -2.36 -15.36 10.65
CA GLN A 164 -3.46 -16.33 10.65
C GLN A 164 -4.66 -15.81 9.89
N LEU A 165 -4.99 -14.51 10.06
CA LEU A 165 -6.09 -13.92 9.32
C LEU A 165 -5.81 -13.93 7.82
N ALA A 166 -4.56 -13.67 7.43
CA ALA A 166 -4.22 -13.64 6.01
C ALA A 166 -4.42 -14.99 5.35
N THR A 167 -4.05 -16.07 6.05
CA THR A 167 -4.21 -17.41 5.48
C THR A 167 -5.67 -17.82 5.35
N GLN A 168 -6.58 -17.14 6.03
CA GLN A 168 -7.98 -17.52 6.05
C GLN A 168 -8.88 -16.51 5.34
N LEU A 169 -8.30 -15.66 4.49
CA LEU A 169 -9.08 -14.66 3.76
C LEU A 169 -9.08 -14.98 2.27
N ALA A 170 -10.12 -14.51 1.59
CA ALA A 170 -10.33 -14.71 0.17
C ALA A 170 -10.72 -13.40 -0.46
N PRO A 171 -10.45 -13.22 -1.76
CA PRO A 171 -10.85 -11.98 -2.42
C PRO A 171 -12.35 -11.77 -2.37
N GLY A 172 -12.76 -10.54 -2.02
CA GLY A 172 -14.16 -10.23 -1.86
C GLY A 172 -14.85 -11.05 -0.80
N CYS A 173 -14.16 -11.34 0.30
CA CYS A 173 -14.75 -12.17 1.35
C CYS A 173 -15.93 -11.47 2.01
N ALA A 174 -15.80 -10.17 2.29
CA ALA A 174 -16.89 -9.45 2.96
C ALA A 174 -18.11 -9.34 2.06
N GLN A 175 -17.89 -9.25 0.75
CA GLN A 175 -18.93 -9.12 -0.27
C GLN A 175 -20.05 -8.18 0.18
N GLY A 176 -19.66 -6.93 0.45
CA GLY A 176 -20.59 -5.91 0.86
C GLY A 176 -20.80 -5.77 2.35
N ARG A 177 -19.90 -6.32 3.16
CA ARG A 177 -20.02 -6.23 4.61
C ARG A 177 -18.95 -5.30 5.19
N PRO A 178 -19.22 -4.67 6.32
CA PRO A 178 -18.22 -3.80 6.94
C PRO A 178 -17.02 -4.60 7.43
N LEU A 179 -15.89 -3.91 7.49
CA LEU A 179 -14.63 -4.53 7.90
C LEU A 179 -14.65 -4.94 9.37
N ARG A 180 -15.49 -4.32 10.19
CA ARG A 180 -15.53 -4.67 11.61
C ARG A 180 -15.96 -6.12 11.82
N LEU A 181 -17.03 -6.54 11.14
CA LEU A 181 -17.51 -7.91 11.26
C LEU A 181 -16.69 -8.89 10.42
N LEU A 182 -15.87 -8.39 9.50
CA LEU A 182 -15.02 -9.28 8.70
C LEU A 182 -14.04 -10.03 9.59
N ALA A 183 -13.46 -9.35 10.57
CA ALA A 183 -12.56 -10.00 11.51
C ALA A 183 -13.30 -11.10 12.27
N GLU A 184 -12.68 -12.28 12.32
CA GLU A 184 -13.30 -13.41 13.00
C GLU A 184 -13.43 -13.15 14.50
N HIS A 185 -12.32 -12.78 15.14
CA HIS A 185 -12.37 -12.35 16.54
C HIS A 185 -11.58 -11.05 16.73
N GLY A 186 -10.53 -10.88 15.93
CA GLY A 186 -9.64 -9.75 16.09
C GLY A 186 -10.15 -8.47 15.46
N VAL A 187 -11.25 -7.95 15.98
CA VAL A 187 -11.80 -6.68 15.48
C VAL A 187 -11.30 -5.50 16.30
N ASP A 188 -11.41 -5.61 17.63
CA ASP A 188 -10.96 -4.57 18.56
C ASP A 188 -11.54 -3.21 18.19
N THR A 189 -10.71 -2.17 18.25
CA THR A 189 -11.13 -0.81 17.91
C THR A 189 -10.21 -0.12 16.93
N LYS A 190 -8.92 -0.48 16.92
CA LYS A 190 -7.93 0.18 16.07
C LYS A 190 -6.98 -0.88 15.50
N PHE A 191 -7.35 -2.16 15.66
CA PHE A 191 -6.48 -3.26 15.28
C PHE A 191 -6.10 -3.20 13.80
N PHE A 192 -7.08 -2.97 12.93
CA PHE A 192 -6.79 -2.94 11.51
C PHE A 192 -6.00 -1.71 11.11
N GLU A 193 -6.27 -0.56 11.74
CA GLU A 193 -5.55 0.66 11.39
C GLU A 193 -4.05 0.55 11.67
N ARG A 194 -3.67 -0.23 12.68
CA ARG A 194 -2.25 -0.48 12.94
C ARG A 194 -1.74 -1.76 12.31
N ASN A 195 -2.57 -2.47 11.53
CA ASN A 195 -2.16 -3.72 10.91
C ASN A 195 -2.62 -3.83 9.47
N ALA A 196 -3.16 -2.74 8.90
CA ALA A 196 -3.57 -2.78 7.50
C ALA A 196 -2.38 -2.98 6.57
N THR A 197 -1.27 -2.31 6.87
CA THR A 197 -0.10 -2.42 6.01
C THR A 197 0.46 -3.84 6.01
N LEU A 198 0.57 -4.45 7.19
CA LEU A 198 1.05 -5.82 7.26
C LEU A 198 0.09 -6.79 6.60
N LEU A 199 -1.22 -6.59 6.80
CA LEU A 199 -2.21 -7.48 6.20
C LEU A 199 -2.16 -7.38 4.68
N THR A 200 -1.95 -6.17 4.14
CA THR A 200 -1.85 -6.01 2.70
C THR A 200 -0.66 -6.76 2.13
N LYS A 201 0.51 -6.61 2.77
CA LYS A 201 1.71 -7.25 2.26
C LYS A 201 1.61 -8.77 2.33
N LEU A 202 1.08 -9.31 3.42
CA LEU A 202 0.95 -10.76 3.54
C LEU A 202 -0.03 -11.30 2.51
N LEU A 203 -1.13 -10.59 2.27
CA LEU A 203 -2.09 -11.03 1.26
C LEU A 203 -1.51 -10.98 -0.14
N ASP A 204 -0.60 -10.02 -0.39
CA ASP A 204 -0.07 -9.83 -1.74
C ASP A 204 0.70 -11.05 -2.20
N GLU A 205 1.56 -11.61 -1.35
CA GLU A 205 2.35 -12.76 -1.74
C GLU A 205 1.55 -14.05 -1.77
N ARG A 206 0.34 -14.06 -1.21
CA ARG A 206 -0.53 -15.22 -1.37
C ARG A 206 -1.39 -15.12 -2.63
N PHE A 207 -1.64 -13.90 -3.10
CA PHE A 207 -2.50 -13.69 -4.27
C PHE A 207 -1.76 -12.94 -5.38
N GLU A 208 -0.44 -13.13 -5.46
CA GLU A 208 0.38 -12.57 -6.54
C GLU A 208 0.24 -11.05 -6.62
N GLY A 209 0.36 -10.40 -5.48
CA GLY A 209 0.32 -8.93 -5.45
C GLY A 209 -0.97 -8.33 -5.93
N ALA A 210 -2.10 -8.93 -5.57
CA ALA A 210 -3.40 -8.38 -5.96
C ALA A 210 -3.93 -7.36 -4.95
N ALA A 211 -3.53 -7.49 -3.67
CA ALA A 211 -4.02 -6.58 -2.66
C ALA A 211 -3.41 -5.18 -2.81
N SER A 212 -2.12 -5.11 -3.12
CA SER A 212 -1.46 -3.82 -3.25
C SER A 212 -2.02 -3.02 -4.42
N GLU A 213 -2.22 -3.68 -5.57
CA GLU A 213 -2.68 -2.97 -6.76
C GLU A 213 -4.11 -2.44 -6.57
N GLN A 214 -5.03 -3.31 -6.16
CA GLN A 214 -6.42 -2.89 -6.00
C GLN A 214 -6.63 -2.07 -4.73
N GLY A 215 -5.83 -2.32 -3.69
CA GLY A 215 -6.08 -1.71 -2.40
C GLY A 215 -6.78 -2.68 -1.48
N LEU A 216 -6.36 -2.74 -0.21
CA LEU A 216 -6.91 -3.72 0.71
C LEU A 216 -8.41 -3.55 0.88
N THR A 217 -8.87 -2.30 0.97
CA THR A 217 -10.30 -2.04 1.09
C THR A 217 -11.05 -2.52 -0.15
N THR A 218 -10.51 -2.24 -1.33
CA THR A 218 -11.16 -2.65 -2.57
C THR A 218 -11.02 -4.15 -2.79
N PHE A 219 -9.86 -4.72 -2.45
CA PHE A 219 -9.60 -6.12 -2.74
C PHE A 219 -10.56 -7.05 -1.99
N LEU A 220 -10.84 -6.74 -0.72
CA LEU A 220 -11.69 -7.58 0.09
C LEU A 220 -13.17 -7.24 -0.02
N ASP A 221 -13.52 -6.19 -0.77
CA ASP A 221 -14.91 -5.75 -0.93
C ASP A 221 -15.53 -5.46 0.43
N ALA A 222 -14.89 -4.55 1.16
CA ALA A 222 -15.35 -4.19 2.50
C ALA A 222 -15.18 -2.69 2.67
N PHE A 223 -16.24 -1.94 2.39
CA PHE A 223 -16.25 -0.48 2.49
C PHE A 223 -16.92 -0.07 3.78
N GLU A 224 -16.17 0.65 4.62
CA GLU A 224 -16.72 1.14 5.87
C GLU A 224 -17.79 2.19 5.61
N GLU A 225 -18.78 2.25 6.52
CA GLU A 225 -19.83 3.25 6.38
C GLU A 225 -19.26 4.66 6.46
N SER A 226 -18.33 4.90 7.38
CA SER A 226 -17.66 6.18 7.50
C SER A 226 -16.30 6.14 6.81
N SER A 227 -15.62 7.29 6.79
CA SER A 227 -14.28 7.43 6.27
C SER A 227 -14.21 7.21 4.76
N HIS A 228 -15.35 6.93 4.13
CA HIS A 228 -15.42 6.77 2.67
C HIS A 228 -15.90 8.07 2.02
N TRP A 229 -15.03 9.07 2.08
CA TRP A 229 -15.37 10.39 1.58
C TRP A 229 -15.38 10.40 0.05
N VAL A 230 -16.34 11.13 -0.52
CA VAL A 230 -16.48 11.26 -1.96
C VAL A 230 -16.56 12.74 -2.31
N LEU A 231 -16.20 13.05 -3.56
CA LEU A 231 -16.15 14.43 -4.03
C LEU A 231 -17.49 14.84 -4.60
N VAL A 232 -18.03 15.96 -4.12
CA VAL A 232 -19.29 16.51 -4.59
C VAL A 232 -19.00 17.90 -5.16
N VAL A 233 -19.28 18.09 -6.44
CA VAL A 233 -19.05 19.37 -7.10
C VAL A 233 -20.35 19.83 -7.75
N PRO A 234 -21.02 20.85 -7.20
CA PRO A 234 -22.21 21.38 -7.86
C PRO A 234 -21.84 22.07 -9.17
N LEU A 235 -22.79 22.04 -10.10
CA LEU A 235 -22.60 22.63 -11.43
C LEU A 235 -23.51 23.82 -11.68
N GLN A 236 -23.99 24.46 -10.62
CA GLN A 236 -24.82 25.65 -10.78
C GLN A 236 -24.73 26.52 -9.54
N PRO A 237 -24.41 27.80 -9.69
CA PRO A 237 -24.32 28.67 -8.51
C PRO A 237 -25.66 28.80 -7.79
N GLY A 238 -25.58 28.87 -6.46
CA GLY A 238 -26.75 29.04 -5.62
C GLY A 238 -27.34 27.74 -5.09
N LEU A 239 -27.12 26.62 -5.78
CA LEU A 239 -27.65 25.35 -5.29
C LEU A 239 -26.97 24.94 -4.00
N LEU A 240 -25.66 25.12 -3.91
CA LEU A 240 -24.89 24.75 -2.73
C LEU A 240 -24.11 25.95 -2.24
N PRO A 241 -24.03 26.17 -0.92
CA PRO A 241 -23.34 27.37 -0.42
C PRO A 241 -21.88 27.43 -0.82
N PHE A 242 -21.19 26.31 -0.92
CA PHE A 242 -19.77 26.28 -1.19
C PHE A 242 -19.52 25.89 -2.65
N LYS A 243 -18.25 25.70 -3.00
CA LYS A 243 -17.86 25.36 -4.37
C LYS A 243 -17.49 23.88 -4.53
N ARG A 244 -16.62 23.37 -3.67
CA ARG A 244 -16.23 21.97 -3.71
C ARG A 244 -16.34 21.39 -2.30
N LEU A 245 -16.91 20.19 -2.20
CA LEU A 245 -17.18 19.56 -0.91
C LEU A 245 -16.53 18.17 -0.88
N ARG A 246 -16.73 17.50 0.25
CA ARG A 246 -16.35 16.10 0.39
C ARG A 246 -17.15 15.51 1.55
N LEU A 247 -18.06 14.58 1.25
CA LEU A 247 -18.94 14.01 2.26
C LEU A 247 -18.79 12.50 2.27
N THR A 248 -18.99 11.91 3.45
CA THR A 248 -18.94 10.47 3.58
C THR A 248 -20.19 9.84 2.95
N THR A 249 -20.05 8.57 2.55
CA THR A 249 -21.16 7.89 1.88
C THR A 249 -22.35 7.72 2.81
N SER A 250 -22.11 7.65 4.12
CA SER A 250 -23.21 7.57 5.08
C SER A 250 -24.06 8.84 5.05
N GLU A 251 -23.41 10.00 4.92
CA GLU A 251 -24.13 11.26 4.87
C GLU A 251 -25.04 11.32 3.64
N LEU A 252 -24.54 10.84 2.50
CA LEU A 252 -25.31 10.89 1.26
C LEU A 252 -26.57 10.03 1.33
N ALA A 253 -26.64 9.07 2.23
CA ALA A 253 -27.79 8.19 2.35
C ALA A 253 -28.83 8.70 3.35
N GLU A 254 -28.59 9.84 3.97
CA GLU A 254 -29.54 10.38 4.94
C GLU A 254 -29.97 11.80 4.62
N THR A 255 -29.05 12.65 4.18
CA THR A 255 -29.37 14.05 3.91
C THR A 255 -30.02 14.19 2.54
N PRO A 256 -31.16 14.89 2.45
CA PRO A 256 -31.74 15.15 1.13
C PRO A 256 -30.82 16.01 0.28
N LEU A 257 -30.86 15.77 -1.03
CA LEU A 257 -29.95 16.53 -1.88
C LEU A 257 -30.69 17.62 -2.63
N PRO A 258 -30.04 18.77 -2.85
CA PRO A 258 -30.67 19.84 -3.64
C PRO A 258 -30.62 19.51 -5.13
N GLY A 259 -31.35 20.32 -5.89
CA GLY A 259 -31.41 20.13 -7.33
C GLY A 259 -32.37 19.04 -7.74
N SER A 260 -32.32 18.72 -9.03
CA SER A 260 -33.20 17.71 -9.60
C SER A 260 -32.48 16.64 -10.41
N ARG A 261 -31.19 16.78 -10.66
CA ARG A 261 -30.43 15.82 -11.45
C ARG A 261 -29.13 15.48 -10.74
N LEU A 262 -28.69 14.24 -10.92
CA LEU A 262 -27.43 13.76 -10.38
C LEU A 262 -26.60 13.13 -11.49
N LEU A 263 -25.28 13.16 -11.33
CA LEU A 263 -24.37 12.63 -12.32
C LEU A 263 -23.22 11.95 -11.59
N VAL A 264 -23.22 10.63 -11.59
CA VAL A 264 -22.25 9.85 -10.82
C VAL A 264 -21.09 9.47 -11.74
N VAL A 265 -19.87 9.62 -11.24
CA VAL A 265 -18.66 9.30 -11.99
C VAL A 265 -17.79 8.38 -11.14
N GLU A 266 -17.16 7.41 -11.80
CA GLU A 266 -16.24 6.51 -11.11
C GLU A 266 -14.93 7.21 -10.77
N ASN A 267 -14.20 7.65 -11.79
CA ASN A 267 -12.88 8.24 -11.60
C ASN A 267 -13.02 9.65 -11.02
N GLU A 268 -12.29 9.90 -9.92
CA GLU A 268 -12.33 11.22 -9.29
C GLU A 268 -11.51 12.24 -10.07
N GLN A 269 -10.40 11.82 -10.67
CA GLN A 269 -9.48 12.75 -11.34
C GLN A 269 -9.89 13.00 -12.80
N CYS A 270 -11.16 13.39 -12.98
CA CYS A 270 -11.64 13.77 -14.30
C CYS A 270 -12.63 14.93 -14.23
N VAL A 271 -12.61 15.71 -13.15
CA VAL A 271 -13.57 16.81 -13.00
C VAL A 271 -13.36 17.87 -14.07
N HIS A 272 -12.13 18.00 -14.58
CA HIS A 272 -11.86 18.98 -15.62
C HIS A 272 -12.64 18.69 -16.90
N LEU A 273 -12.90 17.41 -17.18
CA LEU A 273 -13.65 17.06 -18.39
C LEU A 273 -15.12 17.44 -18.29
N LEU A 274 -15.63 17.67 -17.08
CA LEU A 274 -17.02 18.04 -16.93
C LEU A 274 -17.26 19.45 -17.47
N PRO A 275 -18.49 19.75 -17.91
CA PRO A 275 -18.78 21.10 -18.43
C PRO A 275 -18.75 22.16 -17.34
N GLU A 276 -19.01 23.41 -17.73
CA GLU A 276 -18.93 24.52 -16.78
C GLU A 276 -20.17 24.59 -15.90
N THR A 277 -21.34 24.78 -16.50
CA THR A 277 -22.59 24.92 -15.76
C THR A 277 -23.68 24.07 -16.38
N LEU A 278 -24.59 23.60 -15.53
CA LEU A 278 -25.74 22.80 -15.94
C LEU A 278 -26.87 23.08 -14.97
N PRO A 279 -28.10 23.24 -15.46
CA PRO A 279 -29.23 23.57 -14.58
C PRO A 279 -29.59 22.40 -13.67
N ASP A 280 -29.53 22.65 -12.36
CA ASP A 280 -29.99 21.71 -11.33
C ASP A 280 -29.34 20.34 -11.48
N THR A 281 -28.01 20.32 -11.35
CA THR A 281 -27.25 19.08 -11.44
C THR A 281 -26.25 19.02 -10.29
N LEU A 282 -25.96 17.79 -9.86
CA LEU A 282 -24.93 17.52 -8.87
C LEU A 282 -24.05 16.38 -9.37
N ALA A 283 -22.77 16.45 -9.03
CA ALA A 283 -21.78 15.51 -9.53
C ALA A 283 -21.06 14.85 -8.36
N VAL A 284 -21.42 13.60 -8.08
CA VAL A 284 -20.80 12.84 -6.99
C VAL A 284 -19.66 12.03 -7.62
N LEU A 285 -18.49 12.63 -7.69
CA LEU A 285 -17.34 11.94 -8.26
C LEU A 285 -16.72 10.99 -7.24
N GLY A 286 -15.94 10.05 -7.75
CA GLY A 286 -15.22 9.11 -6.89
C GLY A 286 -16.12 8.22 -6.06
N ALA A 287 -17.19 7.70 -6.66
CA ALA A 287 -18.09 6.83 -5.92
C ALA A 287 -17.44 5.50 -5.55
N GLY A 288 -16.49 5.03 -6.36
CA GLY A 288 -15.88 3.75 -6.08
C GLY A 288 -16.85 2.60 -6.33
N LEU A 289 -16.56 1.47 -5.69
CA LEU A 289 -17.44 0.30 -5.79
C LEU A 289 -18.68 0.45 -4.92
N ASP A 290 -18.62 1.30 -3.89
CA ASP A 290 -19.72 1.43 -2.94
C ASP A 290 -20.78 2.35 -3.52
N LEU A 291 -21.94 1.78 -3.87
CA LEU A 291 -23.06 2.56 -4.37
C LEU A 291 -24.36 2.21 -3.63
N HIS A 292 -24.26 1.57 -2.48
CA HIS A 292 -25.45 1.18 -1.72
C HIS A 292 -26.22 2.38 -1.18
N TRP A 293 -25.61 3.57 -1.16
CA TRP A 293 -26.30 4.77 -0.71
C TRP A 293 -27.35 5.25 -1.70
N LEU A 294 -27.35 4.74 -2.93
CA LEU A 294 -28.30 5.21 -3.93
C LEU A 294 -29.74 4.86 -3.56
N ALA A 295 -29.94 3.73 -2.88
CA ALA A 295 -31.28 3.31 -2.48
C ALA A 295 -31.70 4.17 -1.29
N SER A 296 -32.35 5.29 -1.59
CA SER A 296 -32.84 6.18 -0.54
C SER A 296 -34.11 6.86 -1.03
N ALA A 297 -34.94 7.27 -0.07
CA ALA A 297 -36.20 7.92 -0.41
C ALA A 297 -35.96 9.27 -1.09
N HIS A 298 -34.99 10.04 -0.59
CA HIS A 298 -34.72 11.36 -1.17
C HIS A 298 -34.24 11.23 -2.61
N LEU A 299 -33.36 10.27 -2.88
CA LEU A 299 -32.85 10.10 -4.23
C LEU A 299 -33.89 9.56 -5.20
N ALA A 300 -34.96 8.96 -4.69
CA ALA A 300 -36.03 8.48 -5.55
C ALA A 300 -36.74 9.65 -6.22
N GLY A 301 -37.24 9.40 -7.44
CA GLY A 301 -37.88 10.46 -8.18
C GLY A 301 -36.92 11.48 -8.77
N LYS A 302 -35.66 11.13 -8.93
CA LYS A 302 -34.64 12.02 -9.46
C LYS A 302 -34.02 11.42 -10.71
N GLN A 303 -33.84 12.24 -11.73
CA GLN A 303 -33.19 11.81 -12.97
C GLN A 303 -31.69 11.76 -12.73
N ILE A 304 -31.11 10.57 -12.77
CA ILE A 304 -29.71 10.37 -12.46
C ILE A 304 -29.04 9.64 -13.61
N GLY A 305 -27.72 9.82 -13.71
CA GLY A 305 -26.94 9.15 -14.74
C GLY A 305 -25.60 8.74 -14.17
N TYR A 306 -25.11 7.60 -14.66
CA TYR A 306 -23.89 6.98 -14.15
C TYR A 306 -22.86 6.91 -15.27
N TRP A 307 -21.76 7.63 -15.12
CA TRP A 307 -20.70 7.66 -16.12
C TRP A 307 -19.44 7.06 -15.49
N GLY A 308 -19.30 5.74 -15.60
CA GLY A 308 -18.11 5.04 -15.19
C GLY A 308 -17.18 4.75 -16.36
N ASP A 309 -16.14 3.98 -16.06
CA ASP A 309 -15.18 3.60 -17.10
C ASP A 309 -15.83 2.62 -18.07
N MET A 310 -15.08 2.26 -19.11
CA MET A 310 -15.53 1.30 -20.12
C MET A 310 -14.66 0.06 -20.00
N ASP A 311 -15.04 -0.85 -19.12
CA ASP A 311 -14.35 -2.11 -18.91
C ASP A 311 -15.28 -3.05 -18.17
N THR A 312 -14.76 -4.22 -17.78
CA THR A 312 -15.57 -5.18 -17.05
C THR A 312 -15.99 -4.63 -15.69
N TRP A 313 -15.05 -4.01 -14.97
CA TRP A 313 -15.37 -3.46 -13.66
C TRP A 313 -16.38 -2.33 -13.75
N GLY A 314 -16.25 -1.47 -14.76
CA GLY A 314 -17.22 -0.40 -14.95
C GLY A 314 -18.61 -0.93 -15.22
N LEU A 315 -18.71 -1.98 -16.04
CA LEU A 315 -20.02 -2.55 -16.34
C LEU A 315 -20.62 -3.24 -15.11
N LEU A 316 -19.78 -3.92 -14.32
CA LEU A 316 -20.28 -4.51 -13.08
C LEU A 316 -20.79 -3.43 -12.12
N MET A 317 -20.06 -2.33 -12.01
CA MET A 317 -20.49 -1.23 -11.16
C MET A 317 -21.77 -0.60 -11.66
N LEU A 318 -21.92 -0.47 -12.99
CA LEU A 318 -23.16 0.03 -13.56
C LEU A 318 -24.32 -0.91 -13.24
N ALA A 319 -24.08 -2.22 -13.30
CA ALA A 319 -25.11 -3.18 -12.94
C ALA A 319 -25.51 -3.01 -11.47
N ARG A 320 -24.54 -2.85 -10.59
CA ARG A 320 -24.84 -2.67 -9.17
C ARG A 320 -25.65 -1.39 -8.95
N ALA A 321 -25.28 -0.32 -9.66
CA ALA A 321 -26.05 0.92 -9.57
C ALA A 321 -27.48 0.72 -10.05
N ARG A 322 -27.65 0.02 -11.17
CA ARG A 322 -28.99 -0.19 -11.72
C ARG A 322 -29.83 -1.09 -10.83
N LEU A 323 -29.19 -1.98 -10.06
CA LEU A 323 -29.94 -2.80 -9.11
C LEU A 323 -30.65 -1.95 -8.07
N HIS A 324 -29.96 -0.93 -7.55
CA HIS A 324 -30.56 -0.08 -6.53
C HIS A 324 -31.59 0.88 -7.15
N GLN A 325 -31.27 1.46 -8.29
CA GLN A 325 -32.16 2.40 -8.96
C GLN A 325 -32.44 1.92 -10.38
N PRO A 326 -33.70 1.66 -10.74
CA PRO A 326 -34.01 1.17 -12.09
C PRO A 326 -34.05 2.25 -13.16
N ALA A 327 -33.92 3.53 -12.79
CA ALA A 327 -34.02 4.62 -13.74
C ALA A 327 -32.66 5.17 -14.16
N VAL A 328 -31.58 4.48 -13.82
CA VAL A 328 -30.25 4.95 -14.16
C VAL A 328 -30.07 4.91 -15.68
N GLU A 329 -29.57 6.00 -16.25
CA GLU A 329 -29.31 6.12 -17.68
C GLU A 329 -27.80 6.20 -17.88
N ALA A 330 -27.24 5.18 -18.50
CA ALA A 330 -25.80 5.13 -18.71
C ALA A 330 -25.37 6.18 -19.74
N LEU A 331 -24.17 6.72 -19.54
CA LEU A 331 -23.59 7.71 -20.43
C LEU A 331 -22.19 7.27 -20.83
N LEU A 332 -21.86 7.49 -22.11
CA LEU A 332 -20.54 7.18 -22.65
C LEU A 332 -20.19 5.71 -22.45
N MET A 333 -21.10 4.84 -22.87
CA MET A 333 -20.87 3.40 -22.82
C MET A 333 -21.16 2.69 -24.14
N GLU A 334 -21.59 3.41 -25.17
CA GLU A 334 -21.98 2.77 -26.42
C GLU A 334 -20.78 2.10 -27.09
N GLN A 335 -21.06 1.01 -27.78
CA GLN A 335 -20.00 0.27 -28.46
C GLN A 335 -19.35 1.09 -29.56
N GLU A 336 -20.10 2.01 -30.17
CA GLU A 336 -19.53 2.87 -31.20
C GLU A 336 -18.42 3.76 -30.64
N LEU A 337 -18.64 4.32 -29.45
CA LEU A 337 -17.63 5.18 -28.83
C LEU A 337 -16.34 4.41 -28.55
N PHE A 338 -16.46 3.17 -28.07
CA PHE A 338 -15.27 2.37 -27.84
C PHE A 338 -14.60 1.99 -29.15
N GLU A 339 -15.39 1.66 -30.18
CA GLU A 339 -14.82 1.18 -31.43
C GLU A 339 -14.14 2.31 -32.20
N GLN A 340 -14.57 3.56 -32.02
CA GLN A 340 -13.91 4.66 -32.70
C GLN A 340 -12.64 5.11 -31.98
N HIS A 341 -12.43 4.67 -30.74
CA HIS A 341 -11.17 4.90 -30.02
C HIS A 341 -10.72 3.56 -29.47
N SER A 342 -10.01 2.78 -30.28
CA SER A 342 -9.55 1.46 -29.89
C SER A 342 -8.04 1.36 -29.84
N GLN A 343 -7.35 1.76 -30.91
CA GLN A 343 -5.90 1.67 -30.96
C GLN A 343 -5.25 3.02 -30.65
N ALA A 353 -14.70 -10.22 -14.50
CA ALA A 353 -15.56 -10.48 -13.36
C ALA A 353 -16.27 -11.82 -13.49
N LEU A 354 -17.60 -11.80 -13.55
CA LEU A 354 -18.37 -13.02 -13.69
C LEU A 354 -18.13 -13.67 -15.05
N GLU A 355 -18.22 -14.99 -15.08
CA GLU A 355 -18.04 -15.72 -16.33
C GLU A 355 -19.12 -15.33 -17.34
N SER A 356 -20.36 -15.22 -16.89
CA SER A 356 -21.46 -14.79 -17.72
C SER A 356 -21.78 -13.33 -17.43
N ALA A 357 -22.82 -12.82 -18.09
CA ALA A 357 -23.23 -11.44 -17.87
C ALA A 357 -23.83 -11.30 -16.48
N PRO A 358 -23.47 -10.24 -15.75
CA PRO A 358 -24.05 -10.02 -14.43
C PRO A 358 -25.45 -9.45 -14.55
N PRO A 359 -26.31 -9.70 -13.56
CA PRO A 359 -27.67 -9.15 -13.63
C PRO A 359 -27.66 -7.63 -13.56
N GLY A 360 -28.62 -7.03 -14.25
CA GLY A 360 -28.73 -5.59 -14.30
C GLY A 360 -28.20 -4.93 -15.55
N LEU A 361 -28.20 -5.63 -16.68
CA LEU A 361 -27.72 -5.08 -17.94
C LEU A 361 -28.82 -5.14 -18.98
N LEU A 362 -28.94 -4.09 -19.78
CA LEU A 362 -29.81 -4.15 -20.94
C LEU A 362 -29.18 -5.04 -22.01
N ALA A 363 -29.98 -5.36 -23.03
CA ALA A 363 -29.54 -6.29 -24.06
C ALA A 363 -28.29 -5.78 -24.77
N ASP A 364 -28.31 -4.50 -25.18
CA ASP A 364 -27.14 -3.93 -25.85
C ASP A 364 -25.93 -3.90 -24.92
N GLU A 365 -26.14 -3.51 -23.67
CA GLU A 365 -25.03 -3.47 -22.71
C GLU A 365 -24.54 -4.87 -22.38
N ALA A 366 -25.47 -5.82 -22.25
CA ALA A 366 -25.06 -7.20 -21.98
C ALA A 366 -24.22 -7.76 -23.13
N ASP A 367 -24.61 -7.47 -24.37
CA ASP A 367 -23.79 -7.85 -25.50
C ASP A 367 -22.44 -7.13 -25.47
N PHE A 368 -22.44 -5.87 -25.06
CA PHE A 368 -21.20 -5.12 -24.96
C PHE A 368 -20.27 -5.73 -23.92
N TYR A 369 -20.83 -6.27 -22.83
CA TYR A 369 -20.00 -6.91 -21.81
C TYR A 369 -19.27 -8.11 -22.37
N ARG A 370 -19.96 -8.94 -23.17
CA ARG A 370 -19.30 -10.09 -23.77
C ARG A 370 -18.36 -9.67 -24.89
N TYR A 371 -18.68 -8.59 -25.61
CA TYR A 371 -17.79 -8.09 -26.65
C TYR A 371 -16.47 -7.62 -26.05
N LEU A 372 -16.55 -6.84 -24.97
CA LEU A 372 -15.33 -6.35 -24.32
C LEU A 372 -14.60 -7.45 -23.57
N LEU A 373 -15.25 -8.61 -23.35
CA LEU A 373 -14.64 -9.67 -22.55
C LEU A 373 -13.39 -10.22 -23.22
N VAL A 374 -13.39 -10.38 -24.53
CA VAL A 374 -12.29 -11.03 -25.23
C VAL A 374 -11.73 -10.15 -26.34
N GLN A 375 -11.98 -8.84 -26.26
CA GLN A 375 -11.47 -7.91 -27.27
C GLN A 375 -10.14 -7.32 -26.78
N GLU A 376 -9.08 -8.12 -26.95
CA GLU A 376 -7.73 -7.73 -26.55
C GLU A 376 -7.69 -7.29 -25.09
N ARG A 377 -6.92 -6.25 -24.80
CA ARG A 377 -6.86 -5.66 -23.47
C ARG A 377 -7.94 -4.60 -23.40
N GLY A 378 -9.15 -5.02 -23.02
CA GLY A 378 -10.31 -4.14 -23.03
C GLY A 378 -10.40 -3.19 -21.86
N ARG A 379 -9.42 -2.32 -21.70
CA ARG A 379 -9.41 -1.32 -20.65
C ARG A 379 -9.20 0.05 -21.28
N LEU A 380 -10.04 1.01 -20.91
CA LEU A 380 -9.93 2.37 -21.44
C LEU A 380 -10.57 3.32 -20.42
N GLU A 381 -9.76 4.21 -19.86
CA GLU A 381 -10.24 5.10 -18.81
C GLU A 381 -10.98 6.30 -19.40
N GLN A 382 -11.70 7.00 -18.52
CA GLN A 382 -12.40 8.22 -18.95
C GLN A 382 -11.43 9.33 -19.31
N GLU A 383 -10.26 9.36 -18.68
CA GLU A 383 -9.32 10.46 -18.86
C GLU A 383 -8.84 10.60 -20.31
N TYR A 384 -8.95 9.53 -21.10
CA TYR A 384 -8.50 9.56 -22.48
C TYR A 384 -9.63 9.92 -23.45
N LEU A 385 -10.67 10.59 -22.95
CA LEU A 385 -11.79 11.00 -23.78
C LEU A 385 -11.70 12.49 -24.04
N PRO A 386 -11.59 12.93 -25.29
CA PRO A 386 -11.52 14.37 -25.57
C PRO A 386 -12.78 15.08 -25.10
N LYS A 387 -12.60 16.33 -24.64
CA LYS A 387 -13.70 17.10 -24.08
C LYS A 387 -14.71 17.53 -25.14
N ALA A 388 -14.40 17.39 -26.42
CA ALA A 388 -15.31 17.85 -27.47
C ALA A 388 -16.62 17.08 -27.44
N GLN A 389 -16.55 15.76 -27.28
CA GLN A 389 -17.75 14.94 -27.28
C GLN A 389 -18.32 14.70 -25.88
N VAL A 390 -17.49 14.78 -24.84
CA VAL A 390 -17.97 14.52 -23.49
C VAL A 390 -19.01 15.55 -23.09
N GLU A 391 -18.70 16.84 -23.29
CA GLU A 391 -19.64 17.89 -22.95
C GLU A 391 -20.90 17.78 -23.80
N LEU A 392 -20.74 17.44 -25.08
CA LEU A 392 -21.90 17.28 -25.95
C LEU A 392 -22.81 16.18 -25.44
N ALA A 393 -22.25 15.04 -25.05
CA ALA A 393 -23.08 13.94 -24.53
C ALA A 393 -23.75 14.33 -23.22
N ILE A 394 -23.02 15.00 -22.32
CA ILE A 394 -23.59 15.37 -21.04
C ILE A 394 -24.75 16.34 -21.23
N ARG A 395 -24.58 17.34 -22.11
CA ARG A 395 -25.67 18.27 -22.38
C ARG A 395 -26.81 17.59 -23.13
N LYS A 396 -26.50 16.56 -23.93
CA LYS A 396 -27.55 15.76 -24.53
C LYS A 396 -28.41 15.09 -23.46
N TRP A 397 -27.77 14.53 -22.44
CA TRP A 397 -28.52 13.96 -21.32
C TRP A 397 -29.22 15.04 -20.52
N ALA A 398 -28.57 16.20 -20.34
CA ALA A 398 -29.07 17.26 -19.47
C ALA A 398 -30.22 17.98 -20.15
N ARG A 399 -31.43 17.47 -19.94
CA ARG A 399 -32.63 18.10 -20.45
C ARG A 399 -33.53 18.56 -19.29
N ALA B 19 0.75 -43.15 -20.35
CA ALA B 19 0.57 -42.88 -21.78
C ALA B 19 -0.15 -41.56 -22.00
N LYS B 20 0.60 -40.46 -21.86
CA LYS B 20 0.03 -39.13 -22.01
C LYS B 20 0.31 -38.59 -23.41
N SER B 21 -0.71 -38.00 -24.02
CA SER B 21 -0.56 -37.38 -25.32
C SER B 21 0.28 -36.11 -25.20
N PRO B 22 0.99 -35.75 -26.28
CA PRO B 22 1.78 -34.51 -26.24
C PRO B 22 0.96 -33.28 -25.91
N THR B 23 -0.31 -33.24 -26.35
CA THR B 23 -1.17 -32.13 -25.97
C THR B 23 -1.39 -32.09 -24.47
N ASP B 24 -1.49 -33.27 -23.83
CA ASP B 24 -1.68 -33.32 -22.38
C ASP B 24 -0.51 -32.69 -21.65
N ILE B 25 0.72 -32.98 -22.10
CA ILE B 25 1.90 -32.39 -21.48
C ILE B 25 1.88 -30.88 -21.64
N GLY B 26 1.52 -30.39 -22.82
CA GLY B 26 1.44 -28.95 -23.01
C GLY B 26 0.41 -28.29 -22.11
N ARG B 27 -0.75 -28.93 -21.96
CA ARG B 27 -1.74 -28.41 -21.02
C ARG B 27 -1.23 -28.47 -19.59
N ASN B 28 -0.57 -29.57 -19.23
CA ASN B 28 -0.01 -29.69 -17.89
C ASN B 28 1.09 -28.66 -17.65
N LEU B 29 1.93 -28.42 -18.66
CA LEU B 29 2.99 -27.44 -18.51
C LEU B 29 2.44 -26.04 -18.29
N ALA B 30 1.35 -25.70 -18.99
CA ALA B 30 0.74 -24.39 -18.82
C ALA B 30 0.22 -24.21 -17.41
N ARG B 31 -0.36 -25.26 -16.84
CA ARG B 31 -0.87 -25.20 -15.47
C ARG B 31 0.27 -24.95 -14.49
N GLN B 32 1.43 -25.59 -14.71
CA GLN B 32 2.57 -25.40 -13.82
C GLN B 32 3.07 -23.96 -13.88
N TRP B 33 3.03 -23.34 -15.05
CA TRP B 33 3.55 -21.99 -15.20
C TRP B 33 2.78 -20.99 -14.35
N GLN B 34 1.53 -21.31 -13.99
CA GLN B 34 0.71 -20.41 -13.20
C GLN B 34 1.20 -20.25 -11.76
N ARG B 35 2.18 -21.05 -11.33
CA ARG B 35 2.69 -20.99 -9.97
C ARG B 35 3.94 -20.12 -9.93
N SER B 36 4.03 -19.28 -8.89
CA SER B 36 5.15 -18.35 -8.79
C SER B 36 6.48 -19.07 -8.62
N SER B 37 6.48 -20.18 -7.88
CA SER B 37 7.72 -20.92 -7.67
C SER B 37 8.27 -21.46 -8.98
N VAL B 38 7.39 -21.95 -9.87
CA VAL B 38 7.83 -22.49 -11.14
C VAL B 38 8.46 -21.40 -12.00
N ARG B 39 7.84 -20.22 -12.04
CA ARG B 39 8.35 -19.14 -12.88
C ARG B 39 9.73 -18.69 -12.43
N LEU B 40 9.93 -18.53 -11.12
CA LEU B 40 11.23 -18.12 -10.61
C LEU B 40 12.29 -19.17 -10.93
N GLU B 41 11.94 -20.44 -10.78
CA GLU B 41 12.89 -21.52 -11.08
C GLU B 41 13.26 -21.53 -12.56
N ARG B 42 12.29 -21.26 -13.43
CA ARG B 42 12.55 -21.34 -14.87
C ARG B 42 13.33 -20.13 -15.37
N LEU B 43 13.10 -18.95 -14.80
CA LEU B 43 13.70 -17.73 -15.31
C LEU B 43 15.01 -17.39 -14.61
N LEU B 44 14.99 -17.24 -13.28
CA LEU B 44 16.12 -16.72 -12.53
C LEU B 44 17.07 -17.82 -12.07
N ASN B 45 17.12 -18.94 -12.78
CA ASN B 45 18.00 -20.05 -12.43
C ASN B 45 18.43 -20.75 -13.70
N PRO B 46 19.68 -20.55 -14.13
CA PRO B 46 20.17 -21.29 -15.31
C PRO B 46 20.45 -22.75 -15.01
N GLY B 47 20.52 -23.14 -13.74
CA GLY B 47 20.67 -24.53 -13.39
C GLY B 47 19.40 -25.34 -13.44
N SER B 48 18.26 -24.69 -13.71
CA SER B 48 17.01 -25.42 -13.89
C SER B 48 17.11 -26.39 -15.07
N TRP B 49 17.62 -25.90 -16.19
CA TRP B 49 17.84 -26.77 -17.33
C TRP B 49 19.02 -27.69 -17.07
N PRO B 50 18.99 -28.94 -17.56
CA PRO B 50 17.94 -29.53 -18.39
C PRO B 50 16.72 -30.00 -17.61
N GLN B 51 15.56 -30.06 -18.27
CA GLN B 51 14.33 -30.61 -17.70
C GLN B 51 13.83 -31.72 -18.60
N SER B 52 13.66 -32.92 -18.03
CA SER B 52 13.17 -34.08 -18.75
C SER B 52 11.78 -34.42 -18.25
N LEU B 53 10.85 -34.67 -19.18
CA LEU B 53 9.48 -35.00 -18.84
C LEU B 53 9.20 -36.45 -19.18
N ASN B 54 8.65 -37.19 -18.21
CA ASN B 54 8.30 -38.58 -18.45
C ASN B 54 7.03 -38.67 -19.29
N ILE B 55 6.98 -39.67 -20.16
CA ILE B 55 5.84 -39.84 -21.05
C ILE B 55 4.91 -40.93 -20.50
N GLY B 56 5.43 -42.15 -20.37
CA GLY B 56 4.66 -43.23 -19.80
C GLY B 56 4.34 -44.36 -20.76
N LYS B 57 4.39 -45.59 -20.26
CA LYS B 57 4.06 -46.78 -21.04
C LYS B 57 2.55 -46.90 -21.24
N PRO B 58 2.13 -47.48 -22.35
CA PRO B 58 0.70 -47.73 -22.57
C PRO B 58 0.23 -48.95 -21.79
N SER B 59 -1.10 -49.09 -21.74
CA SER B 59 -1.71 -50.22 -21.05
C SER B 59 -1.62 -51.48 -21.91
N ALA B 60 -1.26 -52.60 -21.27
CA ALA B 60 -1.16 -53.86 -21.98
C ALA B 60 -2.52 -54.33 -22.47
N ARG B 61 -3.56 -54.18 -21.65
CA ARG B 61 -4.89 -54.63 -22.05
C ARG B 61 -5.40 -53.85 -23.25
N LEU B 62 -5.18 -52.53 -23.27
CA LEU B 62 -5.59 -51.73 -24.41
C LEU B 62 -4.79 -52.07 -25.65
N PHE B 63 -3.52 -52.45 -25.47
CA PHE B 63 -2.69 -52.81 -26.61
C PHE B 63 -3.24 -54.03 -27.34
N THR B 64 -3.64 -55.05 -26.59
CA THR B 64 -4.20 -56.24 -27.22
C THR B 64 -5.59 -55.99 -27.76
N ASP B 65 -6.42 -55.26 -27.01
CA ASP B 65 -7.79 -55.01 -27.44
C ASP B 65 -7.84 -54.07 -28.65
N ASN B 66 -7.09 -52.98 -28.60
CA ASN B 66 -7.07 -51.98 -29.68
C ASN B 66 -5.60 -51.64 -29.96
N ILE B 67 -5.00 -52.36 -30.90
CA ILE B 67 -3.62 -52.09 -31.26
C ILE B 67 -3.51 -50.73 -31.94
N GLN B 68 -4.56 -50.29 -32.63
CA GLN B 68 -4.52 -48.97 -33.28
C GLN B 68 -4.42 -47.85 -32.25
N ALA B 69 -4.85 -48.12 -31.01
CA ALA B 69 -4.77 -47.09 -29.97
C ALA B 69 -3.32 -46.70 -29.70
N VAL B 70 -2.43 -47.68 -29.59
CA VAL B 70 -1.02 -47.34 -29.41
C VAL B 70 -0.40 -46.89 -30.73
N LEU B 71 -0.91 -47.40 -31.86
CA LEU B 71 -0.37 -47.00 -33.16
C LEU B 71 -0.60 -45.53 -33.43
N ARG B 72 -1.81 -45.03 -33.14
CA ARG B 72 -2.04 -43.59 -33.24
C ARG B 72 -1.21 -42.84 -32.21
N HIS B 73 -1.06 -43.42 -31.01
CA HIS B 73 -0.28 -42.78 -29.97
C HIS B 73 1.18 -42.64 -30.37
N VAL B 74 1.77 -43.70 -30.90
CA VAL B 74 3.17 -43.63 -31.32
C VAL B 74 3.32 -42.74 -32.55
N GLU B 75 2.34 -42.78 -33.46
CA GLU B 75 2.37 -41.89 -34.61
C GLU B 75 2.16 -40.44 -34.21
N ASN B 76 1.35 -40.20 -33.17
CA ASN B 76 1.16 -38.83 -32.71
C ASN B 76 2.47 -38.25 -32.18
N TRP B 77 3.26 -39.05 -31.48
CA TRP B 77 4.58 -38.63 -31.05
C TRP B 77 5.57 -38.52 -32.21
N ARG B 78 5.26 -39.10 -33.36
CA ARG B 78 6.12 -38.96 -34.52
C ARG B 78 6.06 -37.56 -35.11
N SER B 79 5.05 -36.78 -34.79
CA SER B 79 4.84 -35.46 -35.38
C SER B 79 5.36 -34.31 -34.51
N VAL B 80 5.97 -34.61 -33.37
CA VAL B 80 6.47 -33.55 -32.49
C VAL B 80 7.86 -33.15 -32.94
N ASN B 81 8.11 -31.84 -33.00
CA ASN B 81 9.41 -31.33 -33.39
C ASN B 81 9.87 -30.13 -32.56
N VAL B 82 9.14 -29.78 -31.50
CA VAL B 82 9.52 -28.63 -30.68
C VAL B 82 10.86 -28.88 -30.01
N GLY B 83 11.04 -30.06 -29.44
CA GLY B 83 12.28 -30.45 -28.81
C GLY B 83 12.77 -31.77 -29.38
N LYS B 84 13.32 -32.60 -28.50
CA LYS B 84 13.75 -33.94 -28.85
C LYS B 84 13.11 -34.93 -27.88
N VAL B 85 12.61 -36.04 -28.43
CA VAL B 85 11.95 -37.06 -27.63
C VAL B 85 12.86 -38.27 -27.52
N ASP B 86 12.98 -38.81 -26.31
CA ASP B 86 13.78 -40.00 -26.08
C ASP B 86 13.09 -41.22 -26.68
N TRP B 87 13.85 -42.03 -27.41
CA TRP B 87 13.33 -43.18 -28.12
C TRP B 87 14.00 -44.45 -27.62
N GLU B 88 13.20 -45.50 -27.44
CA GLU B 88 13.72 -46.78 -26.99
C GLU B 88 12.79 -47.91 -27.43
N PRO B 89 13.33 -49.01 -27.94
CA PRO B 89 12.46 -50.12 -28.37
C PRO B 89 11.94 -50.92 -27.18
N VAL B 90 10.76 -51.50 -27.37
CA VAL B 90 10.15 -52.35 -26.35
C VAL B 90 9.83 -53.71 -26.93
N PRO B 98 6.83 -56.37 -31.19
CA PRO B 98 7.84 -55.42 -30.74
C PRO B 98 7.70 -54.06 -31.39
N ILE B 99 7.17 -53.10 -30.64
CA ILE B 99 6.96 -51.73 -31.13
C ILE B 99 7.66 -50.78 -30.18
N SER B 100 8.43 -49.84 -30.73
CA SER B 100 9.14 -48.86 -29.92
C SER B 100 8.19 -47.75 -29.51
N LEU B 101 8.17 -47.42 -28.22
CA LEU B 101 7.31 -46.36 -27.71
C LEU B 101 8.14 -45.30 -26.99
N PRO B 102 7.76 -44.03 -27.10
CA PRO B 102 8.50 -42.98 -26.41
C PRO B 102 8.21 -43.00 -24.92
N MET B 103 9.21 -42.62 -24.13
CA MET B 103 9.07 -42.69 -22.68
C MET B 103 9.58 -41.44 -21.96
N ARG B 104 10.39 -40.62 -22.64
CA ARG B 104 10.85 -39.37 -22.08
C ARG B 104 10.84 -38.27 -23.13
N TRP B 105 10.66 -37.03 -22.67
CA TRP B 105 10.73 -35.84 -23.50
C TRP B 105 11.83 -34.96 -22.95
N HIS B 106 12.77 -34.57 -23.79
CA HIS B 106 13.92 -33.78 -23.38
C HIS B 106 13.81 -32.39 -23.99
N LEU B 107 13.65 -31.39 -23.13
CA LEU B 107 13.58 -29.99 -23.54
C LEU B 107 14.77 -29.26 -22.96
N ARG B 108 15.56 -28.60 -23.81
CA ARG B 108 16.77 -27.94 -23.32
C ARG B 108 16.53 -26.46 -23.04
N SER B 109 16.12 -25.71 -24.05
CA SER B 109 16.04 -24.26 -23.97
C SER B 109 14.64 -23.82 -23.54
N PRO B 110 14.53 -22.65 -22.90
CA PRO B 110 13.19 -22.11 -22.59
C PRO B 110 12.33 -21.89 -23.81
N SER B 111 12.94 -21.58 -24.95
CA SER B 111 12.16 -21.45 -26.19
C SER B 111 11.47 -22.76 -26.54
N GLU B 112 12.17 -23.89 -26.33
CA GLU B 112 11.53 -25.18 -26.49
C GLU B 112 10.39 -25.37 -25.49
N TRP B 113 10.62 -24.97 -24.23
CA TRP B 113 9.61 -25.12 -23.20
C TRP B 113 8.36 -24.32 -23.51
N ILE B 114 8.53 -23.04 -23.88
CA ILE B 114 7.38 -22.21 -24.20
C ILE B 114 6.64 -22.75 -25.42
N ALA B 115 7.39 -23.14 -26.45
CA ALA B 115 6.75 -23.70 -27.63
C ALA B 115 6.10 -25.05 -27.34
N ALA B 116 6.51 -25.72 -26.25
CA ALA B 116 5.86 -26.95 -25.84
C ALA B 116 4.52 -26.71 -25.18
N SER B 117 4.36 -25.59 -24.48
CA SER B 117 3.11 -25.31 -23.79
C SER B 117 1.96 -25.10 -24.78
N ASP B 118 2.26 -24.51 -25.93
CA ASP B 118 1.26 -24.26 -26.97
C ASP B 118 0.10 -23.42 -26.44
N ASP B 119 0.43 -22.38 -25.67
CA ASP B 119 -0.57 -21.48 -25.15
C ASP B 119 -0.16 -20.04 -25.41
N PRO B 120 -0.97 -19.28 -26.15
CA PRO B 120 -0.58 -17.89 -26.45
C PRO B 120 -0.38 -17.03 -25.21
N ARG B 121 -1.19 -17.24 -24.17
CA ARG B 121 -1.03 -16.47 -22.94
C ARG B 121 0.32 -16.73 -22.28
N VAL B 122 0.75 -17.99 -22.26
CA VAL B 122 2.07 -18.30 -21.72
C VAL B 122 3.17 -17.70 -22.58
N SER B 123 3.00 -17.80 -23.90
CA SER B 123 4.05 -17.32 -24.81
C SER B 123 4.24 -15.82 -24.69
N GLN B 124 3.15 -15.06 -24.59
CA GLN B 124 3.26 -13.61 -24.50
C GLN B 124 3.75 -13.17 -23.13
N GLU B 125 3.38 -13.91 -22.08
CA GLU B 125 3.84 -13.56 -20.73
C GLU B 125 5.34 -13.73 -20.61
N TYR B 126 5.89 -14.79 -21.22
CA TYR B 126 7.34 -14.97 -21.21
C TYR B 126 8.03 -13.83 -21.95
N ALA B 127 7.47 -13.40 -23.08
CA ALA B 127 8.09 -12.34 -23.85
C ALA B 127 8.18 -11.05 -23.05
N GLN B 128 7.10 -10.72 -22.32
CA GLN B 128 7.12 -9.51 -21.50
C GLN B 128 8.08 -9.65 -20.32
N LEU B 129 8.06 -10.81 -19.66
CA LEU B 129 8.95 -11.02 -18.51
C LEU B 129 10.41 -11.03 -18.94
N GLU B 130 10.71 -11.68 -20.07
CA GLU B 130 12.09 -11.73 -20.54
C GLU B 130 12.63 -10.34 -20.85
N TYR B 131 11.80 -9.49 -21.45
CA TYR B 131 12.22 -8.13 -21.74
C TYR B 131 12.50 -7.35 -20.45
N LEU B 132 11.65 -7.51 -19.45
CA LEU B 132 11.79 -6.75 -18.22
C LEU B 132 13.02 -7.18 -17.44
N VAL B 133 13.37 -8.47 -17.49
CA VAL B 133 14.50 -8.98 -16.72
C VAL B 133 15.79 -8.33 -17.17
N GLU B 134 15.99 -8.19 -18.48
CA GLU B 134 17.26 -7.67 -18.98
C GLU B 134 17.32 -6.15 -18.89
N GLN B 135 16.20 -5.51 -18.60
CA GLN B 135 16.19 -4.06 -18.43
C GLN B 135 16.17 -3.64 -16.95
N VAL B 136 15.19 -4.15 -16.21
CA VAL B 136 15.05 -3.78 -14.80
C VAL B 136 16.24 -4.30 -14.01
N ASP B 137 16.62 -3.55 -12.97
CA ASP B 137 17.78 -3.88 -12.15
C ASP B 137 17.66 -5.29 -11.56
N SER B 138 18.81 -5.86 -11.18
CA SER B 138 18.85 -7.24 -10.70
C SER B 138 18.18 -7.41 -9.35
N ALA B 139 18.21 -6.39 -8.50
CA ALA B 139 17.56 -6.50 -7.19
C ALA B 139 16.04 -6.61 -7.29
N PHE B 140 15.47 -6.21 -8.42
CA PHE B 140 14.03 -6.19 -8.61
C PHE B 140 13.53 -7.42 -9.35
N HIS B 141 14.44 -8.33 -9.74
CA HIS B 141 14.06 -9.44 -10.61
C HIS B 141 13.09 -10.39 -9.91
N THR B 142 13.36 -10.70 -8.64
CA THR B 142 12.53 -11.67 -7.93
C THR B 142 11.10 -11.17 -7.76
N LEU B 143 10.93 -9.90 -7.43
CA LEU B 143 9.59 -9.37 -7.18
C LEU B 143 8.72 -9.44 -8.43
N LEU B 144 9.25 -9.00 -9.57
CA LEU B 144 8.44 -8.89 -10.78
C LEU B 144 7.95 -10.25 -11.25
N VAL B 145 8.79 -11.28 -11.12
CA VAL B 145 8.41 -12.61 -11.59
C VAL B 145 7.25 -13.17 -10.78
N ALA B 146 7.29 -13.00 -9.46
CA ALA B 146 6.29 -13.57 -8.57
C ALA B 146 5.10 -12.66 -8.33
N GLN B 147 5.10 -11.45 -8.90
CA GLN B 147 4.04 -10.48 -8.70
C GLN B 147 3.51 -10.00 -10.05
N ARG B 148 3.16 -10.97 -10.91
CA ARG B 148 2.74 -10.69 -12.28
C ARG B 148 1.65 -9.63 -12.35
N SER B 149 0.86 -9.45 -11.31
CA SER B 149 -0.23 -8.48 -11.36
C SER B 149 0.29 -7.06 -11.42
N LEU B 150 1.50 -6.80 -10.92
CA LEU B 150 2.02 -5.44 -10.90
C LEU B 150 2.23 -4.89 -12.29
N TRP B 151 2.79 -5.70 -13.19
CA TRP B 151 3.15 -5.25 -14.53
C TRP B 151 2.19 -5.72 -15.61
N LEU B 152 1.14 -6.47 -15.25
CA LEU B 152 0.23 -6.98 -16.27
C LEU B 152 -0.53 -5.85 -16.96
N THR B 153 -0.93 -4.83 -16.20
CA THR B 153 -1.68 -3.71 -16.75
C THR B 153 -0.78 -2.60 -17.29
N ARG B 154 0.42 -2.43 -16.73
CA ARG B 154 1.30 -1.34 -17.09
C ARG B 154 2.14 -1.70 -18.30
N THR B 155 2.39 -0.72 -19.17
CA THR B 155 3.20 -0.93 -20.34
C THR B 155 4.66 -1.20 -19.94
N PRO B 156 5.41 -1.95 -20.75
CA PRO B 156 6.81 -2.21 -20.40
C PRO B 156 7.65 -0.94 -20.27
N GLU B 157 7.34 0.10 -21.04
CA GLU B 157 8.10 1.34 -20.94
C GLU B 157 7.93 1.97 -19.56
N GLU B 158 6.70 1.97 -19.03
CA GLU B 158 6.46 2.57 -17.72
C GLU B 158 7.19 1.81 -16.62
N VAL B 159 7.17 0.48 -16.68
CA VAL B 159 7.82 -0.32 -15.64
C VAL B 159 9.33 -0.09 -15.65
N VAL B 160 9.93 -0.04 -16.85
CA VAL B 160 11.36 0.19 -16.95
C VAL B 160 11.72 1.58 -16.42
N ALA B 161 10.95 2.60 -16.80
CA ALA B 161 11.21 3.96 -16.32
C ALA B 161 11.01 4.05 -14.80
N THR B 162 9.96 3.40 -14.29
CA THR B 162 9.72 3.43 -12.84
C THR B 162 10.85 2.74 -12.09
N ALA B 163 11.31 1.59 -12.60
CA ALA B 163 12.40 0.87 -11.93
C ALA B 163 13.67 1.71 -11.92
N GLN B 164 13.93 2.46 -13.00
CA GLN B 164 15.07 3.36 -13.01
C GLN B 164 14.93 4.45 -11.95
N LEU B 165 13.72 5.00 -11.79
CA LEU B 165 13.50 6.04 -10.81
C LEU B 165 13.69 5.53 -9.39
N ALA B 166 13.26 4.29 -9.12
CA ALA B 166 13.37 3.74 -7.78
C ALA B 166 14.83 3.61 -7.36
N THR B 167 15.70 3.20 -8.29
CA THR B 167 17.10 3.02 -7.97
C THR B 167 17.81 4.30 -7.59
N GLN B 168 17.32 5.45 -8.07
CA GLN B 168 17.96 6.73 -7.81
C GLN B 168 17.22 7.57 -6.78
N LEU B 169 16.46 6.94 -5.89
CA LEU B 169 15.75 7.64 -4.83
C LEU B 169 16.23 7.18 -3.46
N ALA B 170 16.19 8.10 -2.51
CA ALA B 170 16.68 7.87 -1.16
C ALA B 170 15.64 8.39 -0.18
N PRO B 171 15.64 7.90 1.07
CA PRO B 171 14.68 8.39 2.05
C PRO B 171 14.83 9.88 2.28
N GLY B 172 13.70 10.57 2.38
CA GLY B 172 13.72 12.01 2.58
C GLY B 172 14.39 12.78 1.46
N CYS B 173 14.37 12.24 0.24
CA CYS B 173 15.01 12.94 -0.88
C CYS B 173 14.32 14.26 -1.18
N ALA B 174 12.99 14.28 -1.11
CA ALA B 174 12.26 15.51 -1.39
C ALA B 174 12.59 16.60 -0.37
N GLN B 175 12.72 16.22 0.90
CA GLN B 175 12.94 17.12 2.03
C GLN B 175 12.14 18.42 1.88
N GLY B 176 10.82 18.25 1.80
CA GLY B 176 9.92 19.39 1.73
C GLY B 176 9.69 19.95 0.35
N ARG B 177 9.70 19.12 -0.69
CA ARG B 177 9.45 19.59 -2.05
C ARG B 177 8.24 18.88 -2.65
N PRO B 178 7.46 19.57 -3.48
CA PRO B 178 6.28 18.95 -4.07
C PRO B 178 6.65 17.77 -4.97
N LEU B 179 5.77 16.76 -4.96
CA LEU B 179 6.06 15.49 -5.63
C LEU B 179 6.23 15.65 -7.14
N ARG B 180 5.66 16.70 -7.73
CA ARG B 180 5.80 16.91 -9.16
C ARG B 180 7.25 17.11 -9.55
N LEU B 181 8.00 17.90 -8.77
CA LEU B 181 9.36 18.25 -9.10
C LEU B 181 10.36 17.14 -8.81
N LEU B 182 9.97 16.10 -8.07
CA LEU B 182 10.90 15.01 -7.79
C LEU B 182 11.25 14.25 -9.06
N ALA B 183 10.29 14.05 -9.95
CA ALA B 183 10.57 13.35 -11.20
C ALA B 183 11.57 14.16 -12.03
N GLU B 184 12.58 13.47 -12.54
CA GLU B 184 13.62 14.13 -13.32
C GLU B 184 13.08 14.59 -14.66
N HIS B 185 12.57 13.66 -15.47
CA HIS B 185 11.97 13.99 -16.75
C HIS B 185 10.59 13.33 -16.86
N GLY B 186 10.42 12.18 -16.22
CA GLY B 186 9.17 11.46 -16.27
C GLY B 186 8.12 12.01 -15.32
N VAL B 187 7.79 13.29 -15.48
CA VAL B 187 6.78 13.91 -14.63
C VAL B 187 5.40 13.79 -15.26
N ASP B 188 5.27 14.17 -16.53
CA ASP B 188 4.00 14.13 -17.25
C ASP B 188 2.90 14.84 -16.47
N THR B 189 1.73 14.22 -16.40
CA THR B 189 0.60 14.77 -15.66
C THR B 189 -0.12 13.75 -14.80
N LYS B 190 0.06 12.45 -15.08
CA LYS B 190 -0.71 11.40 -14.42
C LYS B 190 0.19 10.21 -14.11
N PHE B 191 1.50 10.40 -14.29
CA PHE B 191 2.46 9.31 -14.16
C PHE B 191 2.42 8.69 -12.77
N PHE B 192 2.44 9.52 -11.73
CA PHE B 192 2.67 9.01 -10.38
C PHE B 192 1.47 8.24 -9.83
N GLU B 193 0.26 8.77 -9.98
CA GLU B 193 -0.88 8.10 -9.37
C GLU B 193 -1.19 6.76 -10.03
N ARG B 194 -0.68 6.52 -11.23
CA ARG B 194 -0.76 5.20 -11.84
C ARG B 194 0.52 4.39 -11.67
N ASN B 195 1.49 4.91 -10.91
CA ASN B 195 2.73 4.19 -10.65
C ASN B 195 3.14 4.28 -9.18
N ALA B 196 2.31 4.89 -8.33
CA ALA B 196 2.63 4.98 -6.91
C ALA B 196 2.69 3.61 -6.26
N THR B 197 1.76 2.72 -6.62
CA THR B 197 1.74 1.38 -6.03
C THR B 197 2.99 0.60 -6.42
N LEU B 198 3.37 0.65 -7.70
CA LEU B 198 4.57 -0.04 -8.13
C LEU B 198 5.82 0.58 -7.51
N LEU B 199 5.88 1.90 -7.46
CA LEU B 199 7.05 2.57 -6.91
C LEU B 199 7.22 2.26 -5.43
N THR B 200 6.11 2.17 -4.70
CA THR B 200 6.19 1.82 -3.27
C THR B 200 6.76 0.42 -3.08
N LYS B 201 6.27 -0.55 -3.87
CA LYS B 201 6.71 -1.92 -3.71
C LYS B 201 8.19 -2.08 -4.10
N LEU B 202 8.62 -1.42 -5.17
CA LEU B 202 10.02 -1.49 -5.56
C LEU B 202 10.93 -0.90 -4.50
N LEU B 203 10.54 0.23 -3.92
CA LEU B 203 11.34 0.84 -2.87
C LEU B 203 11.37 -0.01 -1.61
N ASP B 204 10.33 -0.82 -1.39
CA ASP B 204 10.26 -1.62 -0.17
C ASP B 204 11.40 -2.63 -0.10
N GLU B 205 11.67 -3.31 -1.22
CA GLU B 205 12.73 -4.32 -1.22
C GLU B 205 14.12 -3.71 -1.32
N ARG B 206 14.24 -2.43 -1.65
CA ARG B 206 15.54 -1.77 -1.59
C ARG B 206 15.81 -1.19 -0.21
N PHE B 207 14.77 -0.88 0.56
CA PHE B 207 14.93 -0.26 1.87
C PHE B 207 14.28 -1.11 2.96
N GLU B 208 14.19 -2.42 2.74
CA GLU B 208 13.69 -3.37 3.74
C GLU B 208 12.27 -3.03 4.20
N GLY B 209 11.38 -2.86 3.22
CA GLY B 209 9.97 -2.66 3.51
C GLY B 209 9.67 -1.41 4.32
N ALA B 210 10.41 -0.33 4.08
CA ALA B 210 10.16 0.92 4.78
C ALA B 210 9.11 1.78 4.09
N ALA B 211 9.03 1.69 2.76
CA ALA B 211 8.07 2.50 2.02
C ALA B 211 6.64 2.12 2.37
N SER B 212 6.35 0.83 2.43
CA SER B 212 4.99 0.39 2.75
C SER B 212 4.60 0.77 4.17
N GLU B 213 5.53 0.65 5.10
CA GLU B 213 5.23 0.94 6.51
C GLU B 213 4.90 2.41 6.71
N GLN B 214 5.75 3.30 6.19
CA GLN B 214 5.55 4.72 6.42
C GLN B 214 4.64 5.37 5.38
N GLY B 215 4.60 4.82 4.17
CA GLY B 215 3.87 5.45 3.09
C GLY B 215 4.79 6.22 2.18
N LEU B 216 4.53 6.16 0.87
CA LEU B 216 5.43 6.80 -0.09
C LEU B 216 5.51 8.31 0.14
N THR B 217 4.37 8.94 0.46
CA THR B 217 4.35 10.37 0.70
C THR B 217 5.26 10.75 1.87
N THR B 218 5.15 10.01 2.98
CA THR B 218 5.96 10.33 4.15
C THR B 218 7.40 9.86 3.99
N PHE B 219 7.59 8.71 3.34
CA PHE B 219 8.93 8.12 3.25
C PHE B 219 9.89 9.04 2.50
N LEU B 220 9.43 9.64 1.41
CA LEU B 220 10.26 10.56 0.64
C LEU B 220 10.26 11.97 1.22
N ASP B 221 9.47 12.23 2.26
CA ASP B 221 9.34 13.55 2.87
C ASP B 221 8.89 14.58 1.82
N ALA B 222 7.80 14.25 1.15
CA ALA B 222 7.20 15.11 0.14
C ALA B 222 5.76 15.40 0.55
N PHE B 223 5.33 16.64 0.38
CA PHE B 223 3.97 17.04 0.73
C PHE B 223 3.17 17.31 -0.53
N GLU B 224 1.93 16.82 -0.54
CA GLU B 224 1.01 17.07 -1.63
C GLU B 224 0.13 18.26 -1.29
N GLU B 225 0.33 19.36 -2.02
CA GLU B 225 -0.37 20.61 -1.75
C GLU B 225 -1.71 20.71 -2.46
N SER B 226 -2.35 19.58 -2.75
CA SER B 226 -3.61 19.58 -3.50
C SER B 226 -4.68 20.40 -2.79
N SER B 227 -5.14 19.94 -1.63
CA SER B 227 -6.14 20.70 -0.90
C SER B 227 -5.89 20.74 0.61
N HIS B 228 -5.07 19.83 1.12
CA HIS B 228 -4.92 19.62 2.56
C HIS B 228 -6.28 19.67 3.26
N TRP B 229 -7.14 18.71 2.90
CA TRP B 229 -8.53 18.71 3.33
C TRP B 229 -8.68 18.76 4.84
N VAL B 230 -9.60 19.61 5.32
CA VAL B 230 -9.86 19.78 6.74
C VAL B 230 -11.31 19.43 7.01
N LEU B 231 -11.61 19.11 8.26
CA LEU B 231 -12.94 18.70 8.65
C LEU B 231 -13.73 19.91 9.13
N VAL B 232 -14.95 20.07 8.63
CA VAL B 232 -15.83 21.16 9.01
C VAL B 232 -17.06 20.56 9.67
N VAL B 233 -17.34 20.96 10.91
CA VAL B 233 -18.43 20.41 11.69
C VAL B 233 -19.30 21.56 12.21
N PRO B 234 -20.58 21.61 11.83
CA PRO B 234 -21.49 22.58 12.47
C PRO B 234 -21.91 22.07 13.84
N LEU B 235 -21.75 22.92 14.85
CA LEU B 235 -22.12 22.57 16.22
C LEU B 235 -23.55 22.95 16.55
N GLN B 236 -24.29 23.49 15.60
CA GLN B 236 -25.69 23.84 15.82
C GLN B 236 -26.48 23.41 14.59
N PRO B 237 -27.53 22.61 14.75
CA PRO B 237 -28.36 22.23 13.60
C PRO B 237 -29.00 23.45 12.97
N GLY B 238 -29.11 23.42 11.65
CA GLY B 238 -29.69 24.52 10.91
C GLY B 238 -28.71 25.53 10.37
N LEU B 239 -27.41 25.32 10.54
CA LEU B 239 -26.41 26.22 10.02
C LEU B 239 -25.97 25.84 8.60
N LEU B 240 -25.80 24.55 8.35
CA LEU B 240 -25.40 24.05 7.05
C LEU B 240 -26.34 22.94 6.60
N PRO B 241 -26.50 22.75 5.29
CA PRO B 241 -27.38 21.68 4.81
C PRO B 241 -26.95 20.30 5.27
N PHE B 242 -25.66 20.06 5.41
CA PHE B 242 -25.14 18.76 5.82
C PHE B 242 -24.70 18.80 7.28
N LYS B 243 -24.15 17.68 7.76
CA LYS B 243 -23.75 17.54 9.14
C LYS B 243 -22.26 17.38 9.34
N ARG B 244 -21.54 16.78 8.37
CA ARG B 244 -20.10 16.62 8.45
C ARG B 244 -19.51 16.93 7.08
N LEU B 245 -19.03 18.16 6.90
CA LEU B 245 -18.47 18.60 5.64
C LEU B 245 -16.96 18.33 5.62
N ARG B 246 -16.33 18.65 4.49
CA ARG B 246 -14.88 18.57 4.37
C ARG B 246 -14.47 19.52 3.26
N LEU B 247 -13.87 20.64 3.61
CA LEU B 247 -13.51 21.70 2.68
C LEU B 247 -12.02 21.69 2.42
N THR B 248 -11.56 22.68 1.65
CA THR B 248 -10.16 22.85 1.31
C THR B 248 -9.67 24.19 1.84
N THR B 249 -8.38 24.26 2.14
CA THR B 249 -7.80 25.50 2.62
C THR B 249 -7.93 26.61 1.59
N SER B 250 -7.67 26.28 0.31
CA SER B 250 -7.76 27.28 -0.75
C SER B 250 -9.17 27.84 -0.86
N GLU B 251 -10.18 26.98 -0.82
CA GLU B 251 -11.56 27.46 -0.86
C GLU B 251 -11.88 28.30 0.37
N LEU B 252 -11.47 27.85 1.54
CA LEU B 252 -11.72 28.60 2.77
C LEU B 252 -11.01 29.94 2.78
N ALA B 253 -9.98 30.11 1.95
CA ALA B 253 -9.26 31.39 1.93
C ALA B 253 -10.14 32.54 1.44
N GLU B 254 -11.17 32.25 0.64
CA GLU B 254 -11.98 33.33 0.08
C GLU B 254 -13.47 32.99 0.09
N THR B 255 -13.91 32.16 1.03
CA THR B 255 -15.33 31.76 1.10
C THR B 255 -15.95 32.29 2.37
N PRO B 256 -17.07 33.01 2.31
CA PRO B 256 -17.78 33.39 3.54
C PRO B 256 -18.27 32.15 4.28
N LEU B 257 -18.28 32.24 5.61
CA LEU B 257 -18.64 31.13 6.44
C LEU B 257 -19.87 31.48 7.29
N PRO B 258 -20.90 30.64 7.29
CA PRO B 258 -22.07 30.93 8.12
C PRO B 258 -21.74 30.84 9.60
N GLY B 259 -22.48 31.61 10.38
CA GLY B 259 -22.28 31.62 11.82
C GLY B 259 -21.40 32.77 12.27
N SER B 260 -21.68 33.27 13.47
CA SER B 260 -20.94 34.39 14.05
C SER B 260 -19.80 33.94 14.96
N ARG B 261 -19.41 32.68 14.88
CA ARG B 261 -18.34 32.15 15.72
C ARG B 261 -17.57 31.10 14.94
N LEU B 262 -16.35 30.83 15.40
CA LEU B 262 -15.50 29.85 14.73
C LEU B 262 -14.50 29.32 15.75
N LEU B 263 -14.30 28.01 15.74
CA LEU B 263 -13.38 27.33 16.64
C LEU B 263 -12.42 26.47 15.82
N VAL B 264 -11.13 26.60 16.10
CA VAL B 264 -10.08 25.86 15.41
C VAL B 264 -9.53 24.80 16.33
N VAL B 265 -9.45 23.57 15.84
CA VAL B 265 -8.92 22.44 16.61
C VAL B 265 -7.76 21.84 15.83
N GLU B 266 -6.63 21.67 16.50
CA GLU B 266 -5.43 21.16 15.84
C GLU B 266 -5.61 19.70 15.41
N ASN B 267 -6.14 18.87 16.30
CA ASN B 267 -6.24 17.45 16.05
C ASN B 267 -7.44 17.15 15.15
N GLU B 268 -7.44 15.94 14.58
CA GLU B 268 -8.46 15.50 13.64
C GLU B 268 -9.60 14.73 14.33
N GLN B 269 -9.26 13.67 15.05
CA GLN B 269 -10.25 12.69 15.51
C GLN B 269 -10.76 12.97 16.92
N CYS B 270 -10.55 14.16 17.47
CA CYS B 270 -11.11 14.53 18.76
C CYS B 270 -12.48 15.18 18.64
N VAL B 271 -13.21 14.92 17.56
CA VAL B 271 -14.51 15.54 17.36
C VAL B 271 -15.50 15.09 18.42
N HIS B 272 -15.40 13.84 18.87
CA HIS B 272 -16.33 13.34 19.89
C HIS B 272 -16.23 14.14 21.18
N LEU B 273 -15.06 14.70 21.47
CA LEU B 273 -14.91 15.50 22.67
C LEU B 273 -15.64 16.83 22.60
N LEU B 274 -15.97 17.29 21.40
CA LEU B 274 -16.70 18.54 21.25
C LEU B 274 -18.13 18.39 21.77
N PRO B 275 -18.72 19.48 22.25
CA PRO B 275 -20.13 19.41 22.68
C PRO B 275 -21.05 19.02 21.54
N GLU B 276 -22.11 18.29 21.87
CA GLU B 276 -23.07 17.87 20.86
C GLU B 276 -23.87 19.04 20.34
N THR B 277 -23.90 20.16 21.06
CA THR B 277 -24.55 21.37 20.58
C THR B 277 -23.78 22.59 21.06
N LEU B 278 -23.88 23.67 20.28
CA LEU B 278 -23.29 24.96 20.62
C LEU B 278 -23.90 26.02 19.70
N PRO B 279 -24.40 27.12 20.24
CA PRO B 279 -25.08 28.12 19.40
C PRO B 279 -24.13 28.71 18.36
N ASP B 280 -24.66 28.91 17.15
CA ASP B 280 -24.07 29.65 16.04
C ASP B 280 -22.55 29.57 15.97
N THR B 281 -22.01 28.36 15.92
CA THR B 281 -20.56 28.16 15.90
C THR B 281 -20.22 27.00 14.98
N LEU B 282 -19.13 27.16 14.23
CA LEU B 282 -18.59 26.11 13.37
C LEU B 282 -17.21 25.70 13.88
N ALA B 283 -16.85 24.44 13.65
CA ALA B 283 -15.57 23.92 14.09
C ALA B 283 -14.78 23.43 12.89
N VAL B 284 -13.51 23.82 12.83
CA VAL B 284 -12.61 23.42 11.76
C VAL B 284 -11.53 22.55 12.39
N LEU B 285 -11.74 21.24 12.35
CA LEU B 285 -10.82 20.27 12.93
C LEU B 285 -9.80 19.81 11.89
N GLY B 286 -8.62 19.46 12.37
CA GLY B 286 -7.55 19.03 11.49
C GLY B 286 -7.05 20.10 10.56
N ALA B 287 -6.90 21.33 11.06
CA ALA B 287 -6.45 22.43 10.22
C ALA B 287 -5.06 22.17 9.66
N GLY B 288 -4.18 21.60 10.48
CA GLY B 288 -2.80 21.39 10.05
C GLY B 288 -1.94 22.59 10.38
N LEU B 289 -0.82 22.69 9.67
CA LEU B 289 0.13 23.78 9.89
C LEU B 289 -0.17 25.01 9.06
N ASP B 290 -0.94 24.87 7.97
CA ASP B 290 -1.21 25.99 7.07
C ASP B 290 -2.33 26.89 7.61
N LEU B 291 -1.98 27.67 8.63
CA LEU B 291 -2.90 28.66 9.19
C LEU B 291 -2.76 29.99 8.45
N HIS B 292 -2.90 29.91 7.12
CA HIS B 292 -2.79 31.08 6.28
C HIS B 292 -4.12 31.54 5.71
N TRP B 293 -5.18 30.75 5.85
CA TRP B 293 -6.50 31.15 5.38
C TRP B 293 -7.22 32.07 6.35
N LEU B 294 -6.67 32.28 7.55
CA LEU B 294 -7.31 33.14 8.53
C LEU B 294 -7.36 34.58 8.04
N ALA B 295 -6.31 35.04 7.38
CA ALA B 295 -6.26 36.42 6.93
C ALA B 295 -7.17 36.64 5.73
N SER B 296 -8.44 36.96 5.99
CA SER B 296 -9.40 37.21 4.92
C SER B 296 -10.46 38.17 5.45
N ALA B 297 -11.18 38.80 4.50
CA ALA B 297 -12.23 39.73 4.88
C ALA B 297 -13.38 39.02 5.57
N HIS B 298 -13.74 37.81 5.09
CA HIS B 298 -14.87 37.10 5.67
C HIS B 298 -14.62 36.71 7.12
N LEU B 299 -13.40 36.25 7.42
CA LEU B 299 -13.09 35.79 8.77
C LEU B 299 -13.19 36.92 9.79
N ALA B 300 -12.70 38.10 9.46
CA ALA B 300 -12.76 39.22 10.39
C ALA B 300 -14.20 39.60 10.68
N GLY B 301 -14.50 39.87 11.95
CA GLY B 301 -15.82 40.25 12.41
C GLY B 301 -16.36 39.35 13.52
N LYS B 302 -15.91 38.10 13.56
CA LYS B 302 -16.33 37.15 14.58
C LYS B 302 -15.16 36.84 15.51
N GLN B 303 -15.48 36.19 16.62
CA GLN B 303 -14.47 35.76 17.58
C GLN B 303 -13.96 34.38 17.19
N ILE B 304 -12.64 34.20 17.25
CA ILE B 304 -11.99 32.96 16.86
C ILE B 304 -11.25 32.42 18.08
N GLY B 305 -11.52 31.17 18.41
CA GLY B 305 -10.83 30.50 19.51
C GLY B 305 -10.01 29.34 18.97
N TYR B 306 -8.87 29.10 19.60
CA TYR B 306 -7.98 28.02 19.21
C TYR B 306 -7.87 27.01 20.34
N TRP B 307 -7.90 25.73 19.98
CA TRP B 307 -7.87 24.65 20.97
C TRP B 307 -7.05 23.52 20.37
N GLY B 308 -5.75 23.49 20.69
CA GLY B 308 -4.86 22.50 20.12
C GLY B 308 -4.05 21.74 21.14
N ASP B 309 -3.03 21.03 20.69
CA ASP B 309 -2.19 20.25 21.59
C ASP B 309 -1.37 21.17 22.49
N MET B 310 -0.96 20.64 23.63
CA MET B 310 -0.19 21.38 24.62
C MET B 310 1.27 20.94 24.49
N ASP B 311 2.00 21.60 23.61
CA ASP B 311 3.41 21.30 23.37
C ASP B 311 4.04 22.50 22.68
N THR B 312 5.33 22.39 22.37
CA THR B 312 6.02 23.47 21.68
C THR B 312 5.40 23.72 20.32
N TRP B 313 5.08 22.65 19.59
CA TRP B 313 4.44 22.81 18.28
C TRP B 313 3.09 23.51 18.40
N GLY B 314 2.29 23.10 19.39
CA GLY B 314 0.98 23.73 19.57
C GLY B 314 1.10 25.20 19.92
N LEU B 315 2.09 25.57 20.74
CA LEU B 315 2.32 26.98 21.03
C LEU B 315 2.75 27.73 19.77
N LEU B 316 3.54 27.09 18.91
CA LEU B 316 3.89 27.72 17.64
C LEU B 316 2.65 27.97 16.78
N MET B 317 1.75 26.99 16.72
CA MET B 317 0.50 27.17 15.97
C MET B 317 -0.32 28.30 16.55
N LEU B 318 -0.41 28.38 17.88
CA LEU B 318 -1.16 29.45 18.51
C LEU B 318 -0.54 30.81 18.20
N ALA B 319 0.79 30.88 18.21
CA ALA B 319 1.46 32.14 17.87
C ALA B 319 1.17 32.53 16.43
N ARG B 320 1.19 31.56 15.51
CA ARG B 320 0.87 31.86 14.12
C ARG B 320 -0.56 32.36 13.97
N ALA B 321 -1.50 31.72 14.66
CA ALA B 321 -2.90 32.13 14.60
C ALA B 321 -3.07 33.54 15.15
N ARG B 322 -2.41 33.86 16.27
CA ARG B 322 -2.50 35.20 16.83
C ARG B 322 -1.88 36.22 15.89
N LEU B 323 -0.78 35.87 15.22
CA LEU B 323 -0.19 36.77 14.24
C LEU B 323 -1.15 37.05 13.10
N HIS B 324 -1.83 36.01 12.59
CA HIS B 324 -2.75 36.20 11.48
C HIS B 324 -3.97 37.01 11.90
N GLN B 325 -4.53 36.72 13.08
CA GLN B 325 -5.69 37.45 13.59
C GLN B 325 -5.41 37.85 15.04
N PRO B 326 -5.38 39.13 15.37
CA PRO B 326 -5.06 39.53 16.74
C PRO B 326 -6.27 39.45 17.67
N ALA B 327 -7.04 38.37 17.58
CA ALA B 327 -8.16 38.15 18.48
C ALA B 327 -8.30 36.68 18.87
N VAL B 328 -7.29 35.85 18.62
CA VAL B 328 -7.39 34.42 18.87
C VAL B 328 -7.42 34.20 20.38
N GLU B 329 -8.55 33.71 20.88
CA GLU B 329 -8.72 33.42 22.30
C GLU B 329 -8.29 31.98 22.56
N ALA B 330 -7.12 31.81 23.16
CA ALA B 330 -6.61 30.48 23.44
C ALA B 330 -7.51 29.75 24.44
N LEU B 331 -7.74 28.47 24.19
CA LEU B 331 -8.60 27.65 25.03
C LEU B 331 -7.85 26.43 25.52
N LEU B 332 -7.90 26.19 26.82
CA LEU B 332 -7.37 24.98 27.44
C LEU B 332 -5.88 24.79 27.12
N MET B 333 -5.13 25.88 27.26
CA MET B 333 -3.68 25.87 27.09
C MET B 333 -3.00 26.42 28.35
N GLU B 334 -3.62 26.21 29.50
CA GLU B 334 -3.18 26.81 30.76
C GLU B 334 -2.28 25.86 31.53
N GLN B 335 -1.42 26.46 32.36
CA GLN B 335 -0.46 25.68 33.12
C GLN B 335 -1.13 24.74 34.11
N GLU B 336 -2.19 25.22 34.78
CA GLU B 336 -2.87 24.39 35.78
C GLU B 336 -3.46 23.14 35.17
N LEU B 337 -3.90 23.19 33.91
CA LEU B 337 -4.33 21.96 33.24
C LEU B 337 -3.19 20.96 33.17
N PHE B 338 -1.99 21.42 32.83
CA PHE B 338 -0.83 20.54 32.82
C PHE B 338 -0.56 19.99 34.22
N GLU B 339 -0.68 20.83 35.24
CA GLU B 339 -0.42 20.38 36.61
C GLU B 339 -1.39 19.29 37.03
N GLN B 340 -2.69 19.51 36.81
CA GLN B 340 -3.68 18.53 37.26
C GLN B 340 -3.65 17.26 36.41
N HIS B 341 -3.46 17.39 35.10
CA HIS B 341 -3.46 16.24 34.20
C HIS B 341 -2.05 15.75 33.88
N SER B 342 -1.07 16.10 34.70
CA SER B 342 0.30 15.63 34.46
C SER B 342 0.39 14.12 34.56
N GLN B 343 -0.24 13.53 35.58
CA GLN B 343 -0.14 12.09 35.81
C GLN B 343 -1.20 11.33 35.02
N GLY B 344 -1.26 11.61 33.72
CA GLY B 344 -2.14 10.88 32.82
C GLY B 344 -1.35 10.03 31.85
N ASN B 345 -1.22 10.50 30.62
CA ASN B 345 -0.38 9.85 29.61
C ASN B 345 0.41 10.95 28.89
N THR B 346 1.66 11.14 29.31
CA THR B 346 2.54 12.13 28.72
C THR B 346 3.80 11.44 28.19
N VAL B 347 4.30 11.92 27.06
CA VAL B 347 5.48 11.37 26.43
C VAL B 347 6.45 12.51 26.15
N VAL B 348 7.66 12.15 25.69
CA VAL B 348 8.72 13.12 25.42
C VAL B 348 8.60 13.57 23.97
N GLU B 349 8.63 14.87 23.76
CA GLU B 349 8.61 15.41 22.41
C GLU B 349 9.87 15.01 21.66
N PRO B 350 9.75 14.36 20.50
CA PRO B 350 10.95 13.87 19.80
C PRO B 350 11.91 14.98 19.38
N ALA B 351 11.41 16.15 19.01
CA ALA B 351 12.27 17.22 18.52
C ALA B 351 11.71 18.55 18.99
N LYS B 352 12.59 19.41 19.51
CA LYS B 352 12.17 20.73 19.96
C LYS B 352 11.72 21.56 18.77
N ALA B 353 10.52 22.15 18.87
CA ALA B 353 10.06 23.03 17.81
C ALA B 353 10.92 24.27 17.70
N LEU B 354 11.31 24.83 18.84
CA LEU B 354 12.18 26.00 18.87
C LEU B 354 12.93 26.00 20.20
N GLU B 355 14.09 26.68 20.20
CA GLU B 355 14.91 26.78 21.40
C GLU B 355 14.56 28.01 22.23
N SER B 356 13.57 28.79 21.83
CA SER B 356 13.15 29.96 22.58
C SER B 356 11.65 30.16 22.36
N ALA B 357 11.08 31.08 23.13
CA ALA B 357 9.66 31.36 23.01
C ALA B 357 9.38 32.03 21.67
N PRO B 358 8.50 31.45 20.83
CA PRO B 358 8.22 32.07 19.54
C PRO B 358 7.48 33.38 19.72
N PRO B 359 7.65 34.34 18.80
CA PRO B 359 6.98 35.63 18.95
C PRO B 359 5.49 35.52 18.66
N GLY B 360 4.76 36.52 19.16
CA GLY B 360 3.32 36.60 18.94
C GLY B 360 2.48 36.09 20.08
N LEU B 361 3.06 35.37 21.03
CA LEU B 361 2.31 34.86 22.17
C LEU B 361 2.29 35.87 23.31
N LEU B 362 1.33 35.70 24.21
CA LEU B 362 1.20 36.56 25.37
C LEU B 362 2.27 36.24 26.40
N ALA B 363 2.36 37.09 27.42
CA ALA B 363 3.34 36.88 28.48
C ALA B 363 3.06 35.58 29.24
N ASP B 364 1.79 35.31 29.53
CA ASP B 364 1.43 34.05 30.16
C ASP B 364 1.78 32.87 29.25
N GLU B 365 1.51 33.01 27.96
CA GLU B 365 1.86 31.95 27.02
C GLU B 365 3.37 31.74 26.95
N ALA B 366 4.13 32.83 26.98
CA ALA B 366 5.59 32.71 26.98
C ALA B 366 6.09 32.02 28.25
N ASP B 367 5.52 32.37 29.40
CA ASP B 367 5.90 31.71 30.65
C ASP B 367 5.56 30.23 30.60
N PHE B 368 4.39 29.88 30.06
CA PHE B 368 4.03 28.48 29.92
C PHE B 368 4.96 27.75 28.97
N TYR B 369 5.39 28.41 27.89
CA TYR B 369 6.34 27.80 26.96
C TYR B 369 7.66 27.51 27.65
N ARG B 370 8.20 28.50 28.37
CA ARG B 370 9.45 28.27 29.10
C ARG B 370 9.30 27.19 30.15
N TYR B 371 8.13 27.13 30.80
CA TYR B 371 7.86 26.04 31.73
C TYR B 371 7.88 24.69 31.04
N LEU B 372 7.25 24.61 29.86
CA LEU B 372 7.19 23.35 29.13
C LEU B 372 8.57 22.92 28.63
N LEU B 373 9.45 23.89 28.39
CA LEU B 373 10.79 23.54 27.88
C LEU B 373 11.57 22.72 28.90
N VAL B 374 11.51 23.10 30.18
CA VAL B 374 12.41 22.51 31.16
C VAL B 374 12.05 21.04 31.43
N GLN B 375 10.77 20.71 31.46
CA GLN B 375 10.37 19.35 31.75
C GLN B 375 10.80 18.40 30.63
N GLU B 376 11.29 17.22 31.03
CA GLU B 376 11.76 16.25 30.06
C GLU B 376 10.62 15.59 29.31
N ARG B 377 9.44 15.51 29.92
CA ARG B 377 8.31 14.78 29.35
C ARG B 377 7.03 15.61 29.46
N GLY B 378 6.79 16.47 28.47
CA GLY B 378 5.46 17.04 28.31
C GLY B 378 4.94 16.93 26.89
N ARG B 379 3.95 16.07 26.68
CA ARG B 379 3.27 15.95 25.39
C ARG B 379 1.78 15.68 25.61
N LEU B 380 1.17 16.45 26.52
CA LEU B 380 -0.23 16.22 26.85
C LEU B 380 -1.09 16.47 25.62
N GLU B 381 -1.60 15.39 25.02
CA GLU B 381 -2.35 15.48 23.78
C GLU B 381 -3.79 15.89 24.06
N GLN B 382 -4.50 16.27 22.99
CA GLN B 382 -5.88 16.71 23.13
C GLN B 382 -6.80 15.57 23.51
N GLU B 383 -6.52 14.37 23.03
CA GLU B 383 -7.41 13.23 23.26
C GLU B 383 -7.52 12.89 24.73
N TYR B 384 -6.40 12.93 25.46
CA TYR B 384 -6.35 12.45 26.84
C TYR B 384 -6.78 13.57 27.80
N LEU B 385 -8.05 13.93 27.68
CA LEU B 385 -8.64 14.97 28.51
C LEU B 385 -10.03 14.56 28.95
N PRO B 386 -10.49 15.03 30.11
CA PRO B 386 -11.86 14.74 30.54
C PRO B 386 -12.87 15.46 29.67
N LYS B 387 -13.93 14.74 29.31
CA LYS B 387 -14.97 15.32 28.47
C LYS B 387 -15.70 16.45 29.16
N ALA B 388 -15.99 16.29 30.46
CA ALA B 388 -16.76 17.30 31.18
C ALA B 388 -16.03 18.63 31.24
N GLN B 389 -14.72 18.60 31.51
CA GLN B 389 -13.95 19.84 31.61
C GLN B 389 -13.91 20.57 30.27
N VAL B 390 -13.71 19.83 29.18
CA VAL B 390 -13.73 20.43 27.85
C VAL B 390 -15.11 21.00 27.55
N GLU B 391 -16.16 20.29 27.96
CA GLU B 391 -17.52 20.79 27.78
C GLU B 391 -17.68 22.16 28.42
N LEU B 392 -17.31 22.27 29.70
CA LEU B 392 -17.45 23.53 30.41
C LEU B 392 -16.56 24.62 29.83
N ALA B 393 -15.36 24.25 29.36
CA ALA B 393 -14.49 25.25 28.72
C ALA B 393 -15.13 25.80 27.46
N ILE B 394 -15.72 24.93 26.65
CA ILE B 394 -16.39 25.41 25.43
C ILE B 394 -17.58 26.28 25.79
N ARG B 395 -18.35 25.89 26.82
CA ARG B 395 -19.48 26.71 27.24
C ARG B 395 -19.03 28.09 27.70
N LYS B 396 -17.96 28.17 28.49
CA LYS B 396 -17.52 29.45 29.00
C LYS B 396 -16.91 30.30 27.88
N TRP B 397 -16.27 29.67 26.90
CA TRP B 397 -15.79 30.40 25.74
C TRP B 397 -16.95 30.98 24.94
N ALA B 398 -18.02 30.20 24.78
CA ALA B 398 -19.18 30.64 24.03
C ALA B 398 -20.07 31.60 24.81
N ARG B 399 -19.81 31.78 26.10
CA ARG B 399 -20.62 32.67 26.92
C ARG B 399 -20.39 34.13 26.53
#